data_5Z1I
# 
_entry.id   5Z1I 
# 
_audit_conform.dict_name       mmcif_pdbx.dic 
_audit_conform.dict_version    5.387 
_audit_conform.dict_location   http://mmcif.pdb.org/dictionaries/ascii/mmcif_pdbx.dic 
# 
loop_
_database_2.database_id 
_database_2.database_code 
_database_2.pdbx_database_accession 
_database_2.pdbx_DOI 
PDB   5Z1I         pdb_00005z1i 10.2210/pdb5z1i/pdb 
WWPDB D_1300006292 ?            ?                   
# 
loop_
_pdbx_audit_revision_history.ordinal 
_pdbx_audit_revision_history.data_content_type 
_pdbx_audit_revision_history.major_revision 
_pdbx_audit_revision_history.minor_revision 
_pdbx_audit_revision_history.revision_date 
1 'Structure model' 1 0 2018-05-30 
2 'Structure model' 1 1 2018-09-05 
3 'Structure model' 1 2 2024-03-27 
# 
_pdbx_audit_revision_details.ordinal             1 
_pdbx_audit_revision_details.revision_ordinal    1 
_pdbx_audit_revision_details.data_content_type   'Structure model' 
_pdbx_audit_revision_details.provider            repository 
_pdbx_audit_revision_details.type                'Initial release' 
_pdbx_audit_revision_details.description         ? 
_pdbx_audit_revision_details.details             ? 
# 
loop_
_pdbx_audit_revision_group.ordinal 
_pdbx_audit_revision_group.revision_ordinal 
_pdbx_audit_revision_group.data_content_type 
_pdbx_audit_revision_group.group 
1 2 'Structure model' 'Data collection'     
2 2 'Structure model' 'Database references' 
3 3 'Structure model' 'Data collection'     
4 3 'Structure model' 'Database references' 
# 
loop_
_pdbx_audit_revision_category.ordinal 
_pdbx_audit_revision_category.revision_ordinal 
_pdbx_audit_revision_category.data_content_type 
_pdbx_audit_revision_category.category 
1 2 'Structure model' citation        
2 2 'Structure model' citation_author 
3 3 'Structure model' chem_comp_atom  
4 3 'Structure model' chem_comp_bond  
5 3 'Structure model' database_2      
# 
loop_
_pdbx_audit_revision_item.ordinal 
_pdbx_audit_revision_item.revision_ordinal 
_pdbx_audit_revision_item.data_content_type 
_pdbx_audit_revision_item.item 
1 2 'Structure model' '_citation.journal_volume'            
2 2 'Structure model' '_citation.page_first'                
3 2 'Structure model' '_citation.page_last'                 
4 2 'Structure model' '_citation_author.identifier_ORCID'   
5 3 'Structure model' '_database_2.pdbx_DOI'                
6 3 'Structure model' '_database_2.pdbx_database_accession' 
# 
_pdbx_database_status.status_code                     REL 
_pdbx_database_status.status_code_sf                  REL 
_pdbx_database_status.status_code_mr                  ? 
_pdbx_database_status.entry_id                        5Z1I 
_pdbx_database_status.recvd_initial_deposition_date   2017-12-26 
_pdbx_database_status.SG_entry                        N 
_pdbx_database_status.deposit_site                    PDBJ 
_pdbx_database_status.process_site                    PDBJ 
_pdbx_database_status.status_code_cs                  ? 
_pdbx_database_status.methods_development_category    ? 
_pdbx_database_status.pdb_format_compatible           Y 
_pdbx_database_status.status_code_nmr_data            ? 
# 
_pdbx_database_related.db_name        PDB 
_pdbx_database_related.details        '5Z1H contains the same ligand coded FSI.' 
_pdbx_database_related.db_id          5Z1H 
_pdbx_database_related.content_type   unspecified 
# 
loop_
_audit_author.name 
_audit_author.pdbx_ordinal 
_audit_author.identifier_ORCID 
'Kanazawa, H.'  1 ? 
'Hanessian, S.' 2 ? 
'Kondo, J.'     3 ? 
# 
_citation.abstract                  ? 
_citation.abstract_id_CAS           ? 
_citation.book_id_ISBN              ? 
_citation.book_publisher            ? 
_citation.book_publisher_city       ? 
_citation.book_title                ? 
_citation.coordinate_linkage        ? 
_citation.country                   DE 
_citation.database_id_Medline       ? 
_citation.details                   ? 
_citation.id                        primary 
_citation.journal_abbrev            ChemMedChem 
_citation.journal_id_ASTM           ? 
_citation.journal_id_CSD            ? 
_citation.journal_id_ISSN           1860-7187 
_citation.journal_full              ? 
_citation.journal_issue             ? 
_citation.journal_volume            13 
_citation.language                  ? 
_citation.page_first                1541 
_citation.page_last                 1548 
_citation.title                     'Structure-Based Design of a Eukaryote-Selective Antiprotozoal Fluorinated Aminoglycoside.' 
_citation.year                      2018 
_citation.database_id_CSD           ? 
_citation.pdbx_database_id_DOI      10.1002/cmdc.201800166 
_citation.pdbx_database_id_PubMed   29766661 
_citation.unpublished_flag          ? 
# 
loop_
_citation_author.citation_id 
_citation_author.name 
_citation_author.ordinal 
_citation_author.identifier_ORCID 
primary 'Kanazawa, H.'   1 ?                   
primary 'Saavedra, O.M.' 2 ?                   
primary 'Maianti, J.P.'  3 ?                   
primary 'Young, S.A.'    4 ?                   
primary 'Izquierdo, L.'  5 ?                   
primary 'Smith, T.K.'    6 ?                   
primary 'Hanessian, S.'  7 ?                   
primary 'Kondo, J.'      8 0000-0002-5682-3685 
# 
loop_
_entity.id 
_entity.type 
_entity.src_method 
_entity.pdbx_description 
_entity.formula_weight 
_entity.pdbx_number_of_molecules 
_entity.pdbx_ec 
_entity.pdbx_mutation 
_entity.pdbx_fragment 
_entity.details 
1 polymer     syn 
;RNA (5'-R(P*GP*CP*GP*UP*CP*GP*CP*GP*CP*CP*GP*GP*CP*GP*AP*AP*GP*UP*CP*GP*C)-3')
;
6774.093 1  ? ? ? ? 
2 non-polymer man 
;(1S,2S,3R,4S,6R)-4,6-diamino-3-{[(2S,3R)-3-amino-6-(fluoromethyl)-3,4-dihydro-2H-pyran-2-yl]oxy}-2-hydroxycyclohexyl 3-deoxy-4-C-methyl-3-(methylamino)-beta-L-arabinopyranoside
;
450.502  1  ? ? ? ? 
3 water       nat water 18.015   73 ? ? ? ? 
# 
_entity_poly.entity_id                      1 
_entity_poly.type                           polyribonucleotide 
_entity_poly.nstd_linkage                   no 
_entity_poly.nstd_monomer                   no 
_entity_poly.pdbx_seq_one_letter_code       GCGUCGCGCCGGCGAAGUCGC 
_entity_poly.pdbx_seq_one_letter_code_can   GCGUCGCGCCGGCGAAGUCGC 
_entity_poly.pdbx_strand_id                 A 
_entity_poly.pdbx_target_identifier         ? 
# 
loop_
_pdbx_entity_nonpoly.entity_id 
_pdbx_entity_nonpoly.name 
_pdbx_entity_nonpoly.comp_id 
2 
;(1S,2S,3R,4S,6R)-4,6-diamino-3-{[(2S,3R)-3-amino-6-(fluoromethyl)-3,4-dihydro-2H-pyran-2-yl]oxy}-2-hydroxycyclohexyl 3-deoxy-4-C-methyl-3-(methylamino)-beta-L-arabinopyranoside
;
FSJ 
3 water HOH 
# 
loop_
_entity_poly_seq.entity_id 
_entity_poly_seq.num 
_entity_poly_seq.mon_id 
_entity_poly_seq.hetero 
1 1  G n 
1 2  C n 
1 3  G n 
1 4  U n 
1 5  C n 
1 6  G n 
1 7  C n 
1 8  G n 
1 9  C n 
1 10 C n 
1 11 G n 
1 12 G n 
1 13 C n 
1 14 G n 
1 15 A n 
1 16 A n 
1 17 G n 
1 18 U n 
1 19 C n 
1 20 G n 
1 21 C n 
# 
_pdbx_entity_src_syn.entity_id              1 
_pdbx_entity_src_syn.pdbx_src_id            1 
_pdbx_entity_src_syn.pdbx_alt_source_flag   sample 
_pdbx_entity_src_syn.pdbx_beg_seq_num       1 
_pdbx_entity_src_syn.pdbx_end_seq_num       21 
_pdbx_entity_src_syn.organism_scientific    'synthetic construct' 
_pdbx_entity_src_syn.organism_common_name   ? 
_pdbx_entity_src_syn.ncbi_taxonomy_id       32630 
_pdbx_entity_src_syn.details                ? 
# 
loop_
_chem_comp.id 
_chem_comp.type 
_chem_comp.mon_nstd_flag 
_chem_comp.name 
_chem_comp.pdbx_synonyms 
_chem_comp.formula 
_chem_comp.formula_weight 
A   'RNA linking' y "ADENOSINE-5'-MONOPHOSPHATE" ?                     'C10 H14 N5 O7 P' 347.221 
C   'RNA linking' y "CYTIDINE-5'-MONOPHOSPHATE" ?                     'C9 H14 N3 O8 P'  323.197 
FSJ non-polymer   . 
;(1S,2S,3R,4S,6R)-4,6-diamino-3-{[(2S,3R)-3-amino-6-(fluoromethyl)-3,4-dihydro-2H-pyran-2-yl]oxy}-2-hydroxycyclohexyl 3-deoxy-4-C-methyl-3-(methylamino)-beta-L-arabinopyranoside
;
;6'-fluoro sisomicin
;
'C19 H35 F N4 O7' 450.502 
G   'RNA linking' y "GUANOSINE-5'-MONOPHOSPHATE" ?                     'C10 H14 N5 O8 P' 363.221 
HOH non-polymer   . WATER ?                     'H2 O'            18.015  
U   'RNA linking' y "URIDINE-5'-MONOPHOSPHATE" ?                     'C9 H13 N2 O9 P'  324.181 
# 
loop_
_pdbx_poly_seq_scheme.asym_id 
_pdbx_poly_seq_scheme.entity_id 
_pdbx_poly_seq_scheme.seq_id 
_pdbx_poly_seq_scheme.mon_id 
_pdbx_poly_seq_scheme.ndb_seq_num 
_pdbx_poly_seq_scheme.pdb_seq_num 
_pdbx_poly_seq_scheme.auth_seq_num 
_pdbx_poly_seq_scheme.pdb_mon_id 
_pdbx_poly_seq_scheme.auth_mon_id 
_pdbx_poly_seq_scheme.pdb_strand_id 
_pdbx_poly_seq_scheme.pdb_ins_code 
_pdbx_poly_seq_scheme.hetero 
A 1 1  G 1  3  3  G G A . n 
A 1 2  C 2  4  4  C C A . n 
A 1 3  G 3  5  5  G G A . n 
A 1 4  U 4  6  6  U U A . n 
A 1 5  C 5  7  7  C C A . n 
A 1 6  G 6  8  8  G G A . n 
A 1 7  C 7  9  9  C C A . n 
A 1 8  G 8  10 10 G G A . n 
A 1 9  C 9  11 11 C C A . n 
A 1 10 C 10 12 12 C C A . n 
A 1 11 G 11 13 13 G G A . n 
A 1 12 G 12 14 14 G G A . n 
A 1 13 C 13 15 15 C C A . n 
A 1 14 G 14 16 16 G G A . n 
A 1 15 A 15 17 17 A A A . n 
A 1 16 A 16 18 18 A A A . n 
A 1 17 G 17 19 19 G G A . n 
A 1 18 U 18 20 20 U U A . n 
A 1 19 C 19 21 21 C C A . n 
A 1 20 G 20 22 22 G G A . n 
A 1 21 C 21 23 23 C C A . n 
# 
loop_
_pdbx_nonpoly_scheme.asym_id 
_pdbx_nonpoly_scheme.entity_id 
_pdbx_nonpoly_scheme.mon_id 
_pdbx_nonpoly_scheme.ndb_seq_num 
_pdbx_nonpoly_scheme.pdb_seq_num 
_pdbx_nonpoly_scheme.auth_seq_num 
_pdbx_nonpoly_scheme.pdb_mon_id 
_pdbx_nonpoly_scheme.auth_mon_id 
_pdbx_nonpoly_scheme.pdb_strand_id 
_pdbx_nonpoly_scheme.pdb_ins_code 
B 2 FSJ 1  301 301 FSJ FSI A . 
C 3 HOH 1  401 170 HOH HOH A . 
C 3 HOH 2  402 143 HOH HOH A . 
C 3 HOH 3  403 119 HOH HOH A . 
C 3 HOH 4  404 150 HOH HOH A . 
C 3 HOH 5  405 160 HOH HOH A . 
C 3 HOH 6  406 121 HOH HOH A . 
C 3 HOH 7  407 139 HOH HOH A . 
C 3 HOH 8  408 131 HOH HOH A . 
C 3 HOH 9  409 151 HOH HOH A . 
C 3 HOH 10 410 153 HOH HOH A . 
C 3 HOH 11 411 134 HOH HOH A . 
C 3 HOH 12 412 116 HOH HOH A . 
C 3 HOH 13 413 142 HOH HOH A . 
C 3 HOH 14 414 147 HOH HOH A . 
C 3 HOH 15 415 132 HOH HOH A . 
C 3 HOH 16 416 135 HOH HOH A . 
C 3 HOH 17 417 124 HOH HOH A . 
C 3 HOH 18 418 120 HOH HOH A . 
C 3 HOH 19 419 156 HOH HOH A . 
C 3 HOH 20 420 138 HOH HOH A . 
C 3 HOH 21 421 115 HOH HOH A . 
C 3 HOH 22 422 148 HOH HOH A . 
C 3 HOH 23 423 114 HOH HOH A . 
C 3 HOH 24 424 118 HOH HOH A . 
C 3 HOH 25 425 103 HOH HOH A . 
C 3 HOH 26 426 136 HOH HOH A . 
C 3 HOH 27 427 111 HOH HOH A . 
C 3 HOH 28 428 161 HOH HOH A . 
C 3 HOH 29 429 125 HOH HOH A . 
C 3 HOH 30 430 105 HOH HOH A . 
C 3 HOH 31 431 127 HOH HOH A . 
C 3 HOH 32 432 141 HOH HOH A . 
C 3 HOH 33 433 108 HOH HOH A . 
C 3 HOH 34 434 106 HOH HOH A . 
C 3 HOH 35 435 102 HOH HOH A . 
C 3 HOH 36 436 164 HOH HOH A . 
C 3 HOH 37 437 110 HOH HOH A . 
C 3 HOH 38 438 128 HOH HOH A . 
C 3 HOH 39 439 157 HOH HOH A . 
C 3 HOH 40 440 104 HOH HOH A . 
C 3 HOH 41 441 129 HOH HOH A . 
C 3 HOH 42 442 159 HOH HOH A . 
C 3 HOH 43 443 126 HOH HOH A . 
C 3 HOH 44 444 122 HOH HOH A . 
C 3 HOH 45 445 109 HOH HOH A . 
C 3 HOH 46 446 123 HOH HOH A . 
C 3 HOH 47 447 146 HOH HOH A . 
C 3 HOH 48 448 101 HOH HOH A . 
C 3 HOH 49 449 162 HOH HOH A . 
C 3 HOH 50 450 113 HOH HOH A . 
C 3 HOH 51 451 154 HOH HOH A . 
C 3 HOH 52 452 144 HOH HOH A . 
C 3 HOH 53 453 112 HOH HOH A . 
C 3 HOH 54 454 133 HOH HOH A . 
C 3 HOH 55 455 107 HOH HOH A . 
C 3 HOH 56 456 137 HOH HOH A . 
C 3 HOH 57 457 173 HOH HOH A . 
C 3 HOH 58 458 167 HOH HOH A . 
C 3 HOH 59 459 140 HOH HOH A . 
C 3 HOH 60 460 152 HOH HOH A . 
C 3 HOH 61 461 117 HOH HOH A . 
C 3 HOH 62 462 166 HOH HOH A . 
C 3 HOH 63 463 155 HOH HOH A . 
C 3 HOH 64 464 163 HOH HOH A . 
C 3 HOH 65 465 171 HOH HOH A . 
C 3 HOH 66 466 130 HOH HOH A . 
C 3 HOH 67 467 158 HOH HOH A . 
C 3 HOH 68 468 149 HOH HOH A . 
C 3 HOH 69 469 145 HOH HOH A . 
C 3 HOH 70 470 169 HOH HOH A . 
C 3 HOH 71 471 168 HOH HOH A . 
C 3 HOH 72 472 172 HOH HOH A . 
C 3 HOH 73 473 165 HOH HOH A . 
# 
loop_
_software.citation_id 
_software.classification 
_software.compiler_name 
_software.compiler_version 
_software.contact_author 
_software.contact_author_email 
_software.date 
_software.description 
_software.dependencies 
_software.hardware 
_software.language 
_software.location 
_software.mods 
_software.name 
_software.os 
_software.os_version 
_software.type 
_software.version 
_software.pdbx_ordinal 
? 'data scaling'    ? ? ? ? ? ? ? ? ? ? ? XSCALE      ? ? ? .          1 
? refinement        ? ? ? ? ? ? ? ? ? ? ? PHENIX      ? ? ? 1.8.3_1479 2 
? 'data extraction' ? ? ? ? ? ? ? ? ? ? ? PDB_EXTRACT ? ? ? 3.24       3 
# 
_cell.angle_alpha                  90.000 
_cell.angle_alpha_esd              ? 
_cell.angle_beta                   90.000 
_cell.angle_beta_esd               ? 
_cell.angle_gamma                  90.000 
_cell.angle_gamma_esd              ? 
_cell.entry_id                     5Z1I 
_cell.details                      ? 
_cell.formula_units_Z              ? 
_cell.length_a                     46.171 
_cell.length_a_esd                 ? 
_cell.length_b                     46.171 
_cell.length_b_esd                 ? 
_cell.length_c                     115.294 
_cell.length_c_esd                 ? 
_cell.volume                       ? 
_cell.volume_esd                   ? 
_cell.Z_PDB                        16 
_cell.reciprocal_angle_alpha       ? 
_cell.reciprocal_angle_beta        ? 
_cell.reciprocal_angle_gamma       ? 
_cell.reciprocal_angle_alpha_esd   ? 
_cell.reciprocal_angle_beta_esd    ? 
_cell.reciprocal_angle_gamma_esd   ? 
_cell.reciprocal_length_a          ? 
_cell.reciprocal_length_b          ? 
_cell.reciprocal_length_c          ? 
_cell.reciprocal_length_a_esd      ? 
_cell.reciprocal_length_b_esd      ? 
_cell.reciprocal_length_c_esd      ? 
_cell.pdbx_unique_axis             ? 
# 
_symmetry.entry_id                         5Z1I 
_symmetry.cell_setting                     ? 
_symmetry.Int_Tables_number                97 
_symmetry.space_group_name_Hall            ? 
_symmetry.space_group_name_H-M             'I 4 2 2' 
_symmetry.pdbx_full_space_group_name_H-M   ? 
# 
_exptl.absorpt_coefficient_mu     ? 
_exptl.absorpt_correction_T_max   ? 
_exptl.absorpt_correction_T_min   ? 
_exptl.absorpt_correction_type    ? 
_exptl.absorpt_process_details    ? 
_exptl.entry_id                   5Z1I 
_exptl.crystals_number            1 
_exptl.details                    ? 
_exptl.method                     'X-RAY DIFFRACTION' 
_exptl.method_details             ? 
# 
_exptl_crystal.colour                      ? 
_exptl_crystal.density_diffrn              ? 
_exptl_crystal.density_Matthews            2.27 
_exptl_crystal.density_method              ? 
_exptl_crystal.density_percent_sol         45.76 
_exptl_crystal.description                 ? 
_exptl_crystal.F_000                       ? 
_exptl_crystal.id                          1 
_exptl_crystal.preparation                 ? 
_exptl_crystal.size_max                    ? 
_exptl_crystal.size_mid                    ? 
_exptl_crystal.size_min                    ? 
_exptl_crystal.size_rad                    ? 
_exptl_crystal.colour_lustre               ? 
_exptl_crystal.colour_modifier             ? 
_exptl_crystal.colour_primary              ? 
_exptl_crystal.density_meas                ? 
_exptl_crystal.density_meas_esd            ? 
_exptl_crystal.density_meas_gt             ? 
_exptl_crystal.density_meas_lt             ? 
_exptl_crystal.density_meas_temp           ? 
_exptl_crystal.density_meas_temp_esd       ? 
_exptl_crystal.density_meas_temp_gt        ? 
_exptl_crystal.density_meas_temp_lt        ? 
_exptl_crystal.pdbx_crystal_image_url      ? 
_exptl_crystal.pdbx_crystal_image_format   ? 
_exptl_crystal.pdbx_mosaicity              ? 
_exptl_crystal.pdbx_mosaicity_esd          ? 
# 
_exptl_crystal_grow.apparatus       ? 
_exptl_crystal_grow.atmosphere      ? 
_exptl_crystal_grow.crystal_id      1 
_exptl_crystal_grow.details         ? 
_exptl_crystal_grow.method          'VAPOR DIFFUSION, HANGING DROP' 
_exptl_crystal_grow.method_ref      ? 
_exptl_crystal_grow.pH              7.0 
_exptl_crystal_grow.pressure        ? 
_exptl_crystal_grow.pressure_esd    ? 
_exptl_crystal_grow.seeding         ? 
_exptl_crystal_grow.seeding_ref     ? 
_exptl_crystal_grow.temp            293 
_exptl_crystal_grow.temp_details    ? 
_exptl_crystal_grow.temp_esd        ? 
_exptl_crystal_grow.time            ? 
_exptl_crystal_grow.pdbx_details    '2-Methyl-2,4-pentanediol, LiCl, spermine tetrahydrochloride, sodium cacodylate' 
_exptl_crystal_grow.pdbx_pH_range   ? 
# 
_diffrn.ambient_environment    ? 
_diffrn.ambient_temp           100 
_diffrn.ambient_temp_details   ? 
_diffrn.ambient_temp_esd       ? 
_diffrn.crystal_id             1 
_diffrn.crystal_support        ? 
_diffrn.crystal_treatment      ? 
_diffrn.details                ? 
_diffrn.id                     1 
_diffrn.ambient_pressure       ? 
_diffrn.ambient_pressure_esd   ? 
_diffrn.ambient_pressure_gt    ? 
_diffrn.ambient_pressure_lt    ? 
_diffrn.ambient_temp_gt        ? 
_diffrn.ambient_temp_lt        ? 
# 
_diffrn_detector.details                      ? 
_diffrn_detector.detector                     CCD 
_diffrn_detector.diffrn_id                    1 
_diffrn_detector.type                         'ADSC QUANTUM 270' 
_diffrn_detector.area_resol_mean              ? 
_diffrn_detector.dtime                        ? 
_diffrn_detector.pdbx_frames_total            ? 
_diffrn_detector.pdbx_collection_time_total   ? 
_diffrn_detector.pdbx_collection_date         2016-03-06 
# 
_diffrn_radiation.collimation                      ? 
_diffrn_radiation.diffrn_id                        1 
_diffrn_radiation.filter_edge                      ? 
_diffrn_radiation.inhomogeneity                    ? 
_diffrn_radiation.monochromator                    ? 
_diffrn_radiation.polarisn_norm                    ? 
_diffrn_radiation.polarisn_ratio                   ? 
_diffrn_radiation.probe                            ? 
_diffrn_radiation.type                             ? 
_diffrn_radiation.xray_symbol                      ? 
_diffrn_radiation.wavelength_id                    1 
_diffrn_radiation.pdbx_monochromatic_or_laue_m_l   M 
_diffrn_radiation.pdbx_wavelength_list             ? 
_diffrn_radiation.pdbx_wavelength                  ? 
_diffrn_radiation.pdbx_diffrn_protocol             'SINGLE WAVELENGTH' 
_diffrn_radiation.pdbx_analyzer                    ? 
_diffrn_radiation.pdbx_scattering_type             x-ray 
# 
_diffrn_radiation_wavelength.id           1 
_diffrn_radiation_wavelength.wavelength   0.98 
_diffrn_radiation_wavelength.wt           1.0 
# 
_diffrn_source.current                     ? 
_diffrn_source.details                     ? 
_diffrn_source.diffrn_id                   1 
_diffrn_source.power                       ? 
_diffrn_source.size                        ? 
_diffrn_source.source                      SYNCHROTRON 
_diffrn_source.target                      ? 
_diffrn_source.type                        'PHOTON FACTORY BEAMLINE BL-17A' 
_diffrn_source.voltage                     ? 
_diffrn_source.take-off_angle              ? 
_diffrn_source.pdbx_wavelength_list        0.98 
_diffrn_source.pdbx_wavelength             ? 
_diffrn_source.pdbx_synchrotron_beamline   BL-17A 
_diffrn_source.pdbx_synchrotron_site       'Photon Factory' 
# 
_reflns.B_iso_Wilson_estimate            20.850 
_reflns.entry_id                         5Z1I 
_reflns.data_reduction_details           ? 
_reflns.data_reduction_method            ? 
_reflns.d_resolution_high                1.900 
_reflns.d_resolution_low                 42.862 
_reflns.details                          ? 
_reflns.limit_h_max                      ? 
_reflns.limit_h_min                      ? 
_reflns.limit_k_max                      ? 
_reflns.limit_k_min                      ? 
_reflns.limit_l_max                      ? 
_reflns.limit_l_min                      ? 
_reflns.number_all                       ? 
_reflns.number_obs                       5236 
_reflns.observed_criterion               ? 
_reflns.observed_criterion_F_max         ? 
_reflns.observed_criterion_F_min         ? 
_reflns.observed_criterion_I_max         ? 
_reflns.observed_criterion_I_min         ? 
_reflns.observed_criterion_sigma_F       ? 
_reflns.observed_criterion_sigma_I       ? 
_reflns.percent_possible_obs             99.800 
_reflns.R_free_details                   ? 
_reflns.Rmerge_F_all                     ? 
_reflns.Rmerge_F_obs                     ? 
_reflns.Friedel_coverage                 ? 
_reflns.number_gt                        ? 
_reflns.threshold_expression             ? 
_reflns.pdbx_redundancy                  11.955 
_reflns.pdbx_Rmerge_I_obs                0.072 
_reflns.pdbx_Rmerge_I_all                ? 
_reflns.pdbx_Rsym_value                  ? 
_reflns.pdbx_netI_over_av_sigmaI         ? 
_reflns.pdbx_netI_over_sigmaI            23.850 
_reflns.pdbx_res_netI_over_av_sigmaI_2   ? 
_reflns.pdbx_res_netI_over_sigmaI_2      ? 
_reflns.pdbx_chi_squared                 1.044 
_reflns.pdbx_scaling_rejects             ? 
_reflns.pdbx_d_res_high_opt              ? 
_reflns.pdbx_d_res_low_opt               ? 
_reflns.pdbx_d_res_opt_method            ? 
_reflns.phase_calculation_details        ? 
_reflns.pdbx_Rrim_I_all                  0.075 
_reflns.pdbx_Rpim_I_all                  ? 
_reflns.pdbx_d_opt                       ? 
_reflns.pdbx_number_measured_all         ? 
_reflns.pdbx_diffrn_id                   1 
_reflns.pdbx_ordinal                     1 
_reflns.pdbx_CC_half                     0.999 
_reflns.pdbx_R_split                     ? 
# 
loop_
_reflns_shell.d_res_high 
_reflns_shell.d_res_low 
_reflns_shell.meanI_over_sigI_all 
_reflns_shell.meanI_over_sigI_obs 
_reflns_shell.number_measured_all 
_reflns_shell.number_measured_obs 
_reflns_shell.number_possible 
_reflns_shell.number_unique_all 
_reflns_shell.number_unique_obs 
_reflns_shell.percent_possible_all 
_reflns_shell.percent_possible_obs 
_reflns_shell.Rmerge_F_all 
_reflns_shell.Rmerge_F_obs 
_reflns_shell.Rmerge_I_all 
_reflns_shell.Rmerge_I_obs 
_reflns_shell.meanI_over_sigI_gt 
_reflns_shell.meanI_over_uI_all 
_reflns_shell.meanI_over_uI_gt 
_reflns_shell.number_measured_gt 
_reflns_shell.number_unique_gt 
_reflns_shell.percent_possible_gt 
_reflns_shell.Rmerge_F_gt 
_reflns_shell.Rmerge_I_gt 
_reflns_shell.pdbx_redundancy 
_reflns_shell.pdbx_Rsym_value 
_reflns_shell.pdbx_chi_squared 
_reflns_shell.pdbx_netI_over_sigmaI_all 
_reflns_shell.pdbx_netI_over_sigmaI_obs 
_reflns_shell.pdbx_Rrim_I_all 
_reflns_shell.pdbx_Rpim_I_all 
_reflns_shell.pdbx_rejects 
_reflns_shell.pdbx_ordinal 
_reflns_shell.pdbx_diffrn_id 
_reflns_shell.pdbx_CC_half 
_reflns_shell.pdbx_R_split 
1.900 1.950  ? 7.860  ? ? ? ? 374 99.200  ? ? ? ? 0.275 ? ? ? ? ? ? ? ? 11.481 ? ? ? ? 0.288 ? ? 1  1 0.987 ? 
1.950 2.010  ? 8.930  ? ? ? ? 371 100.000 ? ? ? ? 0.282 ? ? ? ? ? ? ? ? 12.350 ? ? ? ? 0.294 ? ? 2  1 0.981 ? 
2.010 2.060  ? 10.290 ? ? ? ? 350 100.000 ? ? ? ? 0.231 ? ? ? ? ? ? ? ? 12.217 ? ? ? ? 0.241 ? ? 3  1 0.992 ? 
2.060 2.130  ? 13.480 ? ? ? ? 334 100.000 ? ? ? ? 0.186 ? ? ? ? ? ? ? ? 12.629 ? ? ? ? 0.194 ? ? 4  1 0.993 ? 
2.130 2.200  ? 14.130 ? ? ? ? 348 100.000 ? ? ? ? 0.173 ? ? ? ? ? ? ? ? 12.784 ? ? ? ? 0.180 ? ? 5  1 0.995 ? 
2.200 2.270  ? 14.780 ? ? ? ? 317 100.000 ? ? ? ? 0.169 ? ? ? ? ? ? ? ? 12.830 ? ? ? ? 0.176 ? ? 6  1 0.996 ? 
2.270 2.360  ? 17.670 ? ? ? ? 316 100.000 ? ? ? ? 0.145 ? ? ? ? ? ? ? ? 12.541 ? ? ? ? 0.151 ? ? 7  1 0.996 ? 
2.360 2.460  ? 20.420 ? ? ? ? 309 100.000 ? ? ? ? 0.116 ? ? ? ? ? ? ? ? 12.055 ? ? ? ? 0.121 ? ? 8  1 0.996 ? 
2.460 2.570  ? 20.990 ? ? ? ? 299 100.000 ? ? ? ? 0.114 ? ? ? ? ? ? ? ? 12.140 ? ? ? ? 0.119 ? ? 9  1 0.997 ? 
2.570 2.690  ? 24.780 ? ? ? ? 272 100.000 ? ? ? ? 0.101 ? ? ? ? ? ? ? ? 12.099 ? ? ? ? 0.106 ? ? 10 1 0.997 ? 
2.690 2.840  ? 28.480 ? ? ? ? 275 100.000 ? ? ? ? 0.089 ? ? ? ? ? ? ? ? 12.578 ? ? ? ? 0.093 ? ? 11 1 0.995 ? 
2.840 3.010  ? 32.600 ? ? ? ? 253 99.600  ? ? ? ? 0.075 ? ? ? ? ? ? ? ? 12.348 ? ? ? ? 0.078 ? ? 12 1 0.998 ? 
3.010 3.220  ? 38.860 ? ? ? ? 238 99.600  ? ? ? ? 0.060 ? ? ? ? ? ? ? ? 11.769 ? ? ? ? 0.063 ? ? 13 1 0.999 ? 
3.220 3.470  ? 39.950 ? ? ? ? 229 98.700  ? ? ? ? 0.055 ? ? ? ? ? ? ? ? 10.760 ? ? ? ? 0.058 ? ? 14 1 0.999 ? 
3.470 3.810  ? 41.330 ? ? ? ? 207 99.500  ? ? ? ? 0.051 ? ? ? ? ? ? ? ? 10.855 ? ? ? ? 0.054 ? ? 15 1 0.999 ? 
3.810 4.260  ? 44.640 ? ? ? ? 196 99.500  ? ? ? ? 0.045 ? ? ? ? ? ? ? ? 10.832 ? ? ? ? 0.047 ? ? 16 1 0.999 ? 
4.260 4.910  ? 46.840 ? ? ? ? 174 99.400  ? ? ? ? 0.042 ? ? ? ? ? ? ? ? 11.603 ? ? ? ? 0.044 ? ? 17 1 0.999 ? 
4.910 6.020  ? 43.290 ? ? ? ? 155 100.000 ? ? ? ? 0.038 ? ? ? ? ? ? ? ? 10.961 ? ? ? ? 0.040 ? ? 18 1 0.999 ? 
6.020 8.510  ? 43.200 ? ? ? ? 123 100.000 ? ? ? ? 0.033 ? ? ? ? ? ? ? ? 9.959  ? ? ? ? 0.035 ? ? 19 1 0.999 ? 
8.510 42.862 ? 45.260 ? ? ? ? 82  97.600  ? ? ? ? 0.030 ? ? ? ? ? ? ? ? 9.427  ? ? ? ? 0.032 ? ? 20 1 0.999 ? 
# 
_refine.aniso_B[1][1]                            ? 
_refine.aniso_B[1][2]                            ? 
_refine.aniso_B[1][3]                            ? 
_refine.aniso_B[2][2]                            ? 
_refine.aniso_B[2][3]                            ? 
_refine.aniso_B[3][3]                            ? 
_refine.B_iso_max                                198.250 
_refine.B_iso_mean                               25.4800 
_refine.B_iso_min                                12.500 
_refine.correlation_coeff_Fo_to_Fc               ? 
_refine.correlation_coeff_Fo_to_Fc_free          ? 
_refine.details                                  ? 
_refine.diff_density_max                         ? 
_refine.diff_density_max_esd                     ? 
_refine.diff_density_min                         ? 
_refine.diff_density_min_esd                     ? 
_refine.diff_density_rms                         ? 
_refine.diff_density_rms_esd                     ? 
_refine.entry_id                                 5Z1I 
_refine.pdbx_refine_id                           'X-RAY DIFFRACTION' 
_refine.ls_abs_structure_details                 ? 
_refine.ls_abs_structure_Flack                   ? 
_refine.ls_abs_structure_Flack_esd               ? 
_refine.ls_abs_structure_Rogers                  ? 
_refine.ls_abs_structure_Rogers_esd              ? 
_refine.ls_d_res_high                            1.9030 
_refine.ls_d_res_low                             42.8620 
_refine.ls_extinction_coef                       ? 
_refine.ls_extinction_coef_esd                   ? 
_refine.ls_extinction_expression                 ? 
_refine.ls_extinction_method                     ? 
_refine.ls_goodness_of_fit_all                   ? 
_refine.ls_goodness_of_fit_all_esd               ? 
_refine.ls_goodness_of_fit_obs                   ? 
_refine.ls_goodness_of_fit_obs_esd               ? 
_refine.ls_hydrogen_treatment                    ? 
_refine.ls_matrix_type                           ? 
_refine.ls_number_constraints                    ? 
_refine.ls_number_parameters                     ? 
_refine.ls_number_reflns_all                     ? 
_refine.ls_number_reflns_obs                     5223 
_refine.ls_number_reflns_R_free                  544 
_refine.ls_number_reflns_R_work                  ? 
_refine.ls_number_restraints                     ? 
_refine.ls_percent_reflns_obs                    99.7500 
_refine.ls_percent_reflns_R_free                 10.5900 
_refine.ls_R_factor_all                          ? 
_refine.ls_R_factor_obs                          ? 
_refine.ls_R_factor_R_free                       0.224 
_refine.ls_R_factor_R_free_error                 ? 
_refine.ls_R_factor_R_free_error_details         ? 
_refine.ls_R_factor_R_work                       0.196 
_refine.ls_R_Fsqd_factor_obs                     ? 
_refine.ls_R_I_factor_obs                        ? 
_refine.ls_redundancy_reflns_all                 ? 
_refine.ls_redundancy_reflns_obs                 ? 
_refine.ls_restrained_S_all                      ? 
_refine.ls_restrained_S_obs                      ? 
_refine.ls_shift_over_esd_max                    ? 
_refine.ls_shift_over_esd_mean                   ? 
_refine.ls_structure_factor_coef                 ? 
_refine.ls_weighting_details                     ? 
_refine.ls_weighting_scheme                      ? 
_refine.ls_wR_factor_all                         ? 
_refine.ls_wR_factor_obs                         ? 
_refine.ls_wR_factor_R_free                      ? 
_refine.ls_wR_factor_R_work                      ? 
_refine.occupancy_max                            ? 
_refine.occupancy_min                            ? 
_refine.solvent_model_details                    ? 
_refine.solvent_model_param_bsol                 ? 
_refine.solvent_model_param_ksol                 ? 
_refine.ls_R_factor_gt                           ? 
_refine.ls_goodness_of_fit_gt                    ? 
_refine.ls_goodness_of_fit_ref                   ? 
_refine.ls_shift_over_su_max                     ? 
_refine.ls_shift_over_su_max_lt                  ? 
_refine.ls_shift_over_su_mean                    ? 
_refine.ls_shift_over_su_mean_lt                 ? 
_refine.pdbx_ls_sigma_I                          ? 
_refine.pdbx_ls_sigma_F                          1.350 
_refine.pdbx_ls_sigma_Fsqd                       ? 
_refine.pdbx_data_cutoff_high_absF               ? 
_refine.pdbx_data_cutoff_high_rms_absF           ? 
_refine.pdbx_data_cutoff_low_absF                ? 
_refine.pdbx_isotropic_thermal_model             ? 
_refine.pdbx_ls_cross_valid_method               THROUGHOUT 
_refine.pdbx_method_to_determine_struct          ? 
_refine.pdbx_starting_model                      ? 
_refine.pdbx_stereochemistry_target_values       ? 
_refine.pdbx_R_Free_selection_details            ? 
_refine.pdbx_stereochem_target_val_spec_case     ? 
_refine.pdbx_overall_ESU_R                       ? 
_refine.pdbx_overall_ESU_R_Free                  ? 
_refine.pdbx_solvent_vdw_probe_radii             1.1100 
_refine.pdbx_solvent_ion_probe_radii             ? 
_refine.pdbx_solvent_shrinkage_radii             0.9000 
_refine.pdbx_real_space_R                        ? 
_refine.pdbx_density_correlation                 ? 
_refine.pdbx_pd_number_of_powder_patterns        ? 
_refine.pdbx_pd_number_of_points                 ? 
_refine.pdbx_pd_meas_number_of_points            ? 
_refine.pdbx_pd_proc_ls_prof_R_factor            ? 
_refine.pdbx_pd_proc_ls_prof_wR_factor           ? 
_refine.pdbx_pd_Marquardt_correlation_coeff      ? 
_refine.pdbx_pd_Fsqrd_R_factor                   ? 
_refine.pdbx_pd_ls_matrix_band_width             ? 
_refine.pdbx_overall_phase_error                 19.8200 
_refine.pdbx_overall_SU_R_free_Cruickshank_DPI   ? 
_refine.pdbx_overall_SU_R_free_Blow_DPI          ? 
_refine.pdbx_overall_SU_R_Blow_DPI               ? 
_refine.pdbx_TLS_residual_ADP_flag               ? 
_refine.pdbx_diffrn_id                           1 
_refine.overall_SU_B                             ? 
_refine.overall_SU_ML                            0.1500 
_refine.overall_SU_R_Cruickshank_DPI             ? 
_refine.overall_SU_R_free                        ? 
_refine.overall_FOM_free_R_set                   ? 
_refine.overall_FOM_work_R_set                   ? 
_refine.pdbx_average_fsc_overall                 ? 
_refine.pdbx_average_fsc_work                    ? 
_refine.pdbx_average_fsc_free                    ? 
# 
_refine_hist.cycle_id                         final 
_refine_hist.pdbx_refine_id                   'X-RAY DIFFRACTION' 
_refine_hist.d_res_high                       1.9030 
_refine_hist.d_res_low                        42.8620 
_refine_hist.pdbx_number_atoms_ligand         31 
_refine_hist.number_atoms_solvent             73 
_refine_hist.number_atoms_total               555 
_refine_hist.pdbx_number_residues_total       21 
_refine_hist.pdbx_B_iso_mean_ligand           20.09 
_refine_hist.pdbx_B_iso_mean_solvent          32.42 
_refine_hist.pdbx_number_atoms_protein        0 
_refine_hist.pdbx_number_atoms_nucleic_acid   451 
# 
loop_
_refine_ls_restr.pdbx_refine_id 
_refine_ls_restr.criterion 
_refine_ls_restr.dev_ideal 
_refine_ls_restr.dev_ideal_target 
_refine_ls_restr.number 
_refine_ls_restr.rejects 
_refine_ls_restr.type 
_refine_ls_restr.weight 
_refine_ls_restr.pdbx_restraint_function 
'X-RAY DIFFRACTION' ? 0.006  ? 536 ? f_bond_d           ? ? 
'X-RAY DIFFRACTION' ? 1.020  ? 832 ? f_angle_d          ? ? 
'X-RAY DIFFRACTION' ? 0.105  ? 116 ? f_chiral_restr     ? ? 
'X-RAY DIFFRACTION' ? 0.014  ? 21  ? f_plane_restr      ? ? 
'X-RAY DIFFRACTION' ? 11.877 ? 251 ? f_dihedral_angle_d ? ? 
# 
loop_
_refine_ls_shell.pdbx_refine_id 
_refine_ls_shell.d_res_high 
_refine_ls_shell.d_res_low 
_refine_ls_shell.number_reflns_all 
_refine_ls_shell.number_reflns_obs 
_refine_ls_shell.number_reflns_R_free 
_refine_ls_shell.number_reflns_R_work 
_refine_ls_shell.percent_reflns_obs 
_refine_ls_shell.percent_reflns_R_free 
_refine_ls_shell.R_factor_all 
_refine_ls_shell.R_factor_obs 
_refine_ls_shell.R_factor_R_free 
_refine_ls_shell.R_factor_R_free_error 
_refine_ls_shell.R_factor_R_work 
_refine_ls_shell.redundancy_reflns_all 
_refine_ls_shell.redundancy_reflns_obs 
_refine_ls_shell.wR_factor_all 
_refine_ls_shell.wR_factor_obs 
_refine_ls_shell.wR_factor_R_free 
_refine_ls_shell.wR_factor_R_work 
_refine_ls_shell.pdbx_total_number_of_bins_used 
_refine_ls_shell.pdbx_phase_error 
_refine_ls_shell.pdbx_fsc_work 
_refine_ls_shell.pdbx_fsc_free 
'X-RAY DIFFRACTION' 1.9032 2.0035  1327 . 138 1189 99.0000  . . . 0.2606 0.0000 0.2275 . . . . . . 7 . . . 
'X-RAY DIFFRACTION' 2.0035 2.1290  1317 . 159 1158 100.0000 . . . 0.2340 0.0000 0.2121 . . . . . . 7 . . . 
'X-RAY DIFFRACTION' 2.1290 2.2934  1340 . 126 1214 100.0000 . . . 0.2093 0.0000 0.2096 . . . . . . 7 . . . 
'X-RAY DIFFRACTION' 2.2934 2.5242  1349 . 160 1189 100.0000 . . . 0.2430 0.0000 0.2097 . . . . . . 7 . . . 
'X-RAY DIFFRACTION' 2.5242 2.8894  1344 . 140 1204 100.0000 . . . 0.2674 0.0000 0.2351 . . . . . . 7 . . . 
'X-RAY DIFFRACTION' 2.8894 3.6400  1318 . 142 1176 99.0000  . . . 0.1879 0.0000 0.1971 . . . . . . 7 . . . 
'X-RAY DIFFRACTION' 3.6400 42.8727 1348 . 124 1224 100.0000 . . . 0.1652 0.0000 0.1433 . . . . . . 7 . . . 
# 
_struct.entry_id                     5Z1I 
_struct.title                        
;Crystal structure of the protozoal cytoplasmic ribosomal decoding site in complex with 6'-fluoro sisomicin
;
_struct.pdbx_model_details           ? 
_struct.pdbx_formula_weight          ? 
_struct.pdbx_formula_weight_method   ? 
_struct.pdbx_model_type_details      ? 
_struct.pdbx_CASP_flag               N 
# 
_struct_keywords.entry_id        5Z1I 
_struct_keywords.text            'rRNA, aminoglycoside, RNA' 
_struct_keywords.pdbx_keywords   RNA 
# 
loop_
_struct_asym.id 
_struct_asym.pdbx_blank_PDB_chainid_flag 
_struct_asym.pdbx_modified 
_struct_asym.entity_id 
_struct_asym.details 
A N N 1 ? 
B N N 2 ? 
C N N 3 ? 
# 
_struct_ref.id                         1 
_struct_ref.db_name                    PDB 
_struct_ref.db_code                    5Z1I 
_struct_ref.pdbx_db_accession          5Z1I 
_struct_ref.pdbx_db_isoform            ? 
_struct_ref.entity_id                  1 
_struct_ref.pdbx_seq_one_letter_code   ? 
_struct_ref.pdbx_align_begin           1 
# 
_struct_ref_seq.align_id                      1 
_struct_ref_seq.ref_id                        1 
_struct_ref_seq.pdbx_PDB_id_code              5Z1I 
_struct_ref_seq.pdbx_strand_id                A 
_struct_ref_seq.seq_align_beg                 1 
_struct_ref_seq.pdbx_seq_align_beg_ins_code   ? 
_struct_ref_seq.seq_align_end                 21 
_struct_ref_seq.pdbx_seq_align_end_ins_code   ? 
_struct_ref_seq.pdbx_db_accession             5Z1I 
_struct_ref_seq.db_align_beg                  3 
_struct_ref_seq.pdbx_db_align_beg_ins_code    ? 
_struct_ref_seq.db_align_end                  23 
_struct_ref_seq.pdbx_db_align_end_ins_code    ? 
_struct_ref_seq.pdbx_auth_seq_align_beg       3 
_struct_ref_seq.pdbx_auth_seq_align_end       23 
# 
_pdbx_struct_assembly.id                   1 
_pdbx_struct_assembly.details              author_and_software_defined_assembly 
_pdbx_struct_assembly.method_details       PISA 
_pdbx_struct_assembly.oligomeric_details   dimeric 
_pdbx_struct_assembly.oligomeric_count     2 
# 
loop_
_pdbx_struct_assembly_prop.biol_id 
_pdbx_struct_assembly_prop.type 
_pdbx_struct_assembly_prop.value 
_pdbx_struct_assembly_prop.details 
1 'ABSA (A^2)' 2530 ? 
1 MORE         -19  ? 
1 'SSA (A^2)'  8100 ? 
# 
_pdbx_struct_assembly_gen.assembly_id       1 
_pdbx_struct_assembly_gen.oper_expression   1,2 
_pdbx_struct_assembly_gen.asym_id_list      A,B,C 
# 
_pdbx_struct_assembly_auth_evidence.id                     1 
_pdbx_struct_assembly_auth_evidence.assembly_id            1 
_pdbx_struct_assembly_auth_evidence.experimental_support   none 
_pdbx_struct_assembly_auth_evidence.details                ? 
# 
loop_
_pdbx_struct_oper_list.id 
_pdbx_struct_oper_list.type 
_pdbx_struct_oper_list.name 
_pdbx_struct_oper_list.symmetry_operation 
_pdbx_struct_oper_list.matrix[1][1] 
_pdbx_struct_oper_list.matrix[1][2] 
_pdbx_struct_oper_list.matrix[1][3] 
_pdbx_struct_oper_list.vector[1] 
_pdbx_struct_oper_list.matrix[2][1] 
_pdbx_struct_oper_list.matrix[2][2] 
_pdbx_struct_oper_list.matrix[2][3] 
_pdbx_struct_oper_list.vector[2] 
_pdbx_struct_oper_list.matrix[3][1] 
_pdbx_struct_oper_list.matrix[3][2] 
_pdbx_struct_oper_list.matrix[3][3] 
_pdbx_struct_oper_list.vector[3] 
1 'identity operation'         1_555 x,y,z    1.0000000000 0.0000000000  0.0000000000  0.0000000000 0.0000000000  1.0000000000  0.0000000000 0.0000000000 0.0000000000  0.0000000000 1.0000000000  0.0000000000 
2 'crystal symmetry operation' 8_555 -y,-x,-z 0.2233688718 -0.7933498729 -0.5663058592 2.1496384661 -0.7933498729 -0.4855157464 0.3672471091 1.9603912874 -0.5663058592 0.3672471091 -0.7378531254 1.8974280219 
# 
loop_
_struct_conn.id 
_struct_conn.conn_type_id 
_struct_conn.pdbx_leaving_atom_flag 
_struct_conn.pdbx_PDB_id 
_struct_conn.ptnr1_label_asym_id 
_struct_conn.ptnr1_label_comp_id 
_struct_conn.ptnr1_label_seq_id 
_struct_conn.ptnr1_label_atom_id 
_struct_conn.pdbx_ptnr1_label_alt_id 
_struct_conn.pdbx_ptnr1_PDB_ins_code 
_struct_conn.pdbx_ptnr1_standard_comp_id 
_struct_conn.ptnr1_symmetry 
_struct_conn.ptnr2_label_asym_id 
_struct_conn.ptnr2_label_comp_id 
_struct_conn.ptnr2_label_seq_id 
_struct_conn.ptnr2_label_atom_id 
_struct_conn.pdbx_ptnr2_label_alt_id 
_struct_conn.pdbx_ptnr2_PDB_ins_code 
_struct_conn.ptnr1_auth_asym_id 
_struct_conn.ptnr1_auth_comp_id 
_struct_conn.ptnr1_auth_seq_id 
_struct_conn.ptnr2_auth_asym_id 
_struct_conn.ptnr2_auth_comp_id 
_struct_conn.ptnr2_auth_seq_id 
_struct_conn.ptnr2_symmetry 
_struct_conn.pdbx_ptnr3_label_atom_id 
_struct_conn.pdbx_ptnr3_label_seq_id 
_struct_conn.pdbx_ptnr3_label_comp_id 
_struct_conn.pdbx_ptnr3_label_asym_id 
_struct_conn.pdbx_ptnr3_label_alt_id 
_struct_conn.pdbx_ptnr3_PDB_ins_code 
_struct_conn.details 
_struct_conn.pdbx_dist_value 
_struct_conn.pdbx_value_order 
_struct_conn.pdbx_role 
hydrog1  hydrog ? ? A G 1  N1 ? ? ? 1_555 A C 21 N3 ? ? A G 3  A C 23 8_555 ? ? ? ? ? ? WATSON-CRICK ? ? ? 
hydrog2  hydrog ? ? A G 1  N2 ? ? ? 1_555 A C 21 O2 ? ? A G 3  A C 23 8_555 ? ? ? ? ? ? WATSON-CRICK ? ? ? 
hydrog3  hydrog ? ? A G 1  O6 ? ? ? 1_555 A C 21 N4 ? ? A G 3  A C 23 8_555 ? ? ? ? ? ? WATSON-CRICK ? ? ? 
hydrog4  hydrog ? ? A C 2  N3 ? ? ? 1_555 A G 20 N1 ? ? A C 4  A G 22 8_555 ? ? ? ? ? ? WATSON-CRICK ? ? ? 
hydrog5  hydrog ? ? A C 2  N4 ? ? ? 1_555 A G 20 O6 ? ? A C 4  A G 22 8_555 ? ? ? ? ? ? WATSON-CRICK ? ? ? 
hydrog6  hydrog ? ? A C 2  O2 ? ? ? 1_555 A G 20 N2 ? ? A C 4  A G 22 8_555 ? ? ? ? ? ? WATSON-CRICK ? ? ? 
hydrog7  hydrog ? ? A G 3  N1 ? ? ? 1_555 A C 19 N3 ? ? A G 5  A C 21 8_555 ? ? ? ? ? ? WATSON-CRICK ? ? ? 
hydrog8  hydrog ? ? A G 3  N2 ? ? ? 1_555 A C 19 O2 ? ? A G 5  A C 21 8_555 ? ? ? ? ? ? WATSON-CRICK ? ? ? 
hydrog9  hydrog ? ? A G 3  O6 ? ? ? 1_555 A C 19 N4 ? ? A G 5  A C 21 8_555 ? ? ? ? ? ? WATSON-CRICK ? ? ? 
hydrog10 hydrog ? ? A U 4  N3 ? ? ? 1_555 A U 18 O2 ? ? A U 6  A U 20 8_555 ? ? ? ? ? ? TYPE_16_PAIR ? ? ? 
hydrog11 hydrog ? ? A U 4  O4 ? ? ? 1_555 A U 18 N3 ? ? A U 6  A U 20 8_555 ? ? ? ? ? ? TYPE_16_PAIR ? ? ? 
hydrog12 hydrog ? ? A C 5  N3 ? ? ? 1_555 A G 17 N1 ? ? A C 7  A G 19 8_555 ? ? ? ? ? ? WATSON-CRICK ? ? ? 
hydrog13 hydrog ? ? A C 5  N4 ? ? ? 1_555 A G 17 O6 ? ? A C 7  A G 19 8_555 ? ? ? ? ? ? WATSON-CRICK ? ? ? 
hydrog14 hydrog ? ? A C 5  O2 ? ? ? 1_555 A G 17 N2 ? ? A C 7  A G 19 8_555 ? ? ? ? ? ? WATSON-CRICK ? ? ? 
hydrog15 hydrog ? ? A C 7  N3 ? ? ? 1_555 A G 14 N1 ? ? A C 9  A G 16 8_555 ? ? ? ? ? ? WATSON-CRICK ? ? ? 
hydrog16 hydrog ? ? A C 7  N4 ? ? ? 1_555 A G 14 O6 ? ? A C 9  A G 16 8_555 ? ? ? ? ? ? WATSON-CRICK ? ? ? 
hydrog17 hydrog ? ? A C 7  O2 ? ? ? 1_555 A G 14 N2 ? ? A C 9  A G 16 8_555 ? ? ? ? ? ? WATSON-CRICK ? ? ? 
hydrog18 hydrog ? ? A G 8  N1 ? ? ? 1_555 A C 13 N3 ? ? A G 10 A C 15 8_555 ? ? ? ? ? ? WATSON-CRICK ? ? ? 
hydrog19 hydrog ? ? A G 8  N2 ? ? ? 1_555 A C 13 O2 ? ? A G 10 A C 15 8_555 ? ? ? ? ? ? WATSON-CRICK ? ? ? 
hydrog20 hydrog ? ? A G 8  O6 ? ? ? 1_555 A C 13 N4 ? ? A G 10 A C 15 8_555 ? ? ? ? ? ? WATSON-CRICK ? ? ? 
hydrog21 hydrog ? ? A C 9  N3 ? ? ? 1_555 A G 12 N1 ? ? A C 11 A G 14 8_555 ? ? ? ? ? ? WATSON-CRICK ? ? ? 
hydrog22 hydrog ? ? A C 9  N4 ? ? ? 1_555 A G 12 O6 ? ? A C 11 A G 14 8_555 ? ? ? ? ? ? WATSON-CRICK ? ? ? 
hydrog23 hydrog ? ? A C 9  O2 ? ? ? 1_555 A G 12 N2 ? ? A C 11 A G 14 8_555 ? ? ? ? ? ? WATSON-CRICK ? ? ? 
hydrog24 hydrog ? ? A C 10 N3 ? ? ? 1_555 A G 11 N1 ? ? A C 12 A G 13 8_555 ? ? ? ? ? ? WATSON-CRICK ? ? ? 
hydrog25 hydrog ? ? A C 10 N4 ? ? ? 1_555 A G 11 O6 ? ? A C 12 A G 13 8_555 ? ? ? ? ? ? WATSON-CRICK ? ? ? 
hydrog26 hydrog ? ? A C 10 O2 ? ? ? 1_555 A G 11 N2 ? ? A C 12 A G 13 8_555 ? ? ? ? ? ? WATSON-CRICK ? ? ? 
hydrog27 hydrog ? ? A G 11 N1 ? ? ? 1_555 A C 10 N3 ? ? A G 13 A C 12 8_555 ? ? ? ? ? ? WATSON-CRICK ? ? ? 
hydrog28 hydrog ? ? A G 11 N2 ? ? ? 1_555 A C 10 O2 ? ? A G 13 A C 12 8_555 ? ? ? ? ? ? WATSON-CRICK ? ? ? 
hydrog29 hydrog ? ? A G 11 O6 ? ? ? 1_555 A C 10 N4 ? ? A G 13 A C 12 8_555 ? ? ? ? ? ? WATSON-CRICK ? ? ? 
hydrog30 hydrog ? ? A G 12 N1 ? ? ? 1_555 A C 9  N3 ? ? A G 14 A C 11 8_555 ? ? ? ? ? ? WATSON-CRICK ? ? ? 
hydrog31 hydrog ? ? A G 12 N2 ? ? ? 1_555 A C 9  O2 ? ? A G 14 A C 11 8_555 ? ? ? ? ? ? WATSON-CRICK ? ? ? 
hydrog32 hydrog ? ? A G 12 O6 ? ? ? 1_555 A C 9  N4 ? ? A G 14 A C 11 8_555 ? ? ? ? ? ? WATSON-CRICK ? ? ? 
hydrog33 hydrog ? ? A C 13 N3 ? ? ? 1_555 A G 8  N1 ? ? A C 15 A G 10 8_555 ? ? ? ? ? ? WATSON-CRICK ? ? ? 
hydrog34 hydrog ? ? A C 13 N4 ? ? ? 1_555 A G 8  O6 ? ? A C 15 A G 10 8_555 ? ? ? ? ? ? WATSON-CRICK ? ? ? 
hydrog35 hydrog ? ? A C 13 O2 ? ? ? 1_555 A G 8  N2 ? ? A C 15 A G 10 8_555 ? ? ? ? ? ? WATSON-CRICK ? ? ? 
hydrog36 hydrog ? ? A G 14 N1 ? ? ? 1_555 A C 7  N3 ? ? A G 16 A C 9  8_555 ? ? ? ? ? ? WATSON-CRICK ? ? ? 
hydrog37 hydrog ? ? A G 14 N2 ? ? ? 1_555 A C 7  O2 ? ? A G 16 A C 9  8_555 ? ? ? ? ? ? WATSON-CRICK ? ? ? 
hydrog38 hydrog ? ? A G 14 O6 ? ? ? 1_555 A C 7  N4 ? ? A G 16 A C 9  8_555 ? ? ? ? ? ? WATSON-CRICK ? ? ? 
hydrog39 hydrog ? ? A G 17 N1 ? ? ? 1_555 A C 5  N3 ? ? A G 19 A C 7  8_555 ? ? ? ? ? ? WATSON-CRICK ? ? ? 
hydrog40 hydrog ? ? A G 17 N2 ? ? ? 1_555 A C 5  O2 ? ? A G 19 A C 7  8_555 ? ? ? ? ? ? WATSON-CRICK ? ? ? 
hydrog41 hydrog ? ? A G 17 O6 ? ? ? 1_555 A C 5  N4 ? ? A G 19 A C 7  8_555 ? ? ? ? ? ? WATSON-CRICK ? ? ? 
hydrog42 hydrog ? ? A U 18 N3 ? ? ? 1_555 A U 4  O4 ? ? A U 20 A U 6  8_555 ? ? ? ? ? ? TYPE_16_PAIR ? ? ? 
hydrog43 hydrog ? ? A U 18 O2 ? ? ? 1_555 A U 4  N3 ? ? A U 20 A U 6  8_555 ? ? ? ? ? ? TYPE_16_PAIR ? ? ? 
hydrog44 hydrog ? ? A C 19 N3 ? ? ? 1_555 A G 3  N1 ? ? A C 21 A G 5  8_555 ? ? ? ? ? ? WATSON-CRICK ? ? ? 
hydrog45 hydrog ? ? A C 19 N4 ? ? ? 1_555 A G 3  O6 ? ? A C 21 A G 5  8_555 ? ? ? ? ? ? WATSON-CRICK ? ? ? 
hydrog46 hydrog ? ? A C 19 O2 ? ? ? 1_555 A G 3  N2 ? ? A C 21 A G 5  8_555 ? ? ? ? ? ? WATSON-CRICK ? ? ? 
hydrog47 hydrog ? ? A G 20 N1 ? ? ? 1_555 A C 2  N3 ? ? A G 22 A C 4  8_555 ? ? ? ? ? ? WATSON-CRICK ? ? ? 
hydrog48 hydrog ? ? A G 20 N2 ? ? ? 1_555 A C 2  O2 ? ? A G 22 A C 4  8_555 ? ? ? ? ? ? WATSON-CRICK ? ? ? 
hydrog49 hydrog ? ? A G 20 O6 ? ? ? 1_555 A C 2  N4 ? ? A G 22 A C 4  8_555 ? ? ? ? ? ? WATSON-CRICK ? ? ? 
hydrog50 hydrog ? ? A C 21 N3 ? ? ? 1_555 A G 1  N1 ? ? A C 23 A G 3  8_555 ? ? ? ? ? ? WATSON-CRICK ? ? ? 
hydrog51 hydrog ? ? A C 21 N4 ? ? ? 1_555 A G 1  O6 ? ? A C 23 A G 3  8_555 ? ? ? ? ? ? WATSON-CRICK ? ? ? 
hydrog52 hydrog ? ? A C 21 O2 ? ? ? 1_555 A G 1  N2 ? ? A C 23 A G 3  8_555 ? ? ? ? ? ? WATSON-CRICK ? ? ? 
# 
_struct_conn_type.id          hydrog 
_struct_conn_type.criteria    ? 
_struct_conn_type.reference   ? 
# 
_struct_site.id                   AC1 
_struct_site.pdbx_evidence_code   Software 
_struct_site.pdbx_auth_asym_id    A 
_struct_site.pdbx_auth_comp_id    FSJ 
_struct_site.pdbx_auth_seq_id     301 
_struct_site.pdbx_auth_ins_code   ? 
_struct_site.pdbx_num_residues    18 
_struct_site.details              'binding site for residue FSJ A 301' 
# 
loop_
_struct_site_gen.id 
_struct_site_gen.site_id 
_struct_site_gen.pdbx_num_res 
_struct_site_gen.label_comp_id 
_struct_site_gen.label_asym_id 
_struct_site_gen.label_seq_id 
_struct_site_gen.pdbx_auth_ins_code 
_struct_site_gen.auth_comp_id 
_struct_site_gen.auth_asym_id 
_struct_site_gen.auth_seq_id 
_struct_site_gen.label_atom_id 
_struct_site_gen.label_alt_id 
_struct_site_gen.symmetry 
_struct_site_gen.details 
1  AC1 18 C   A 2  ? C   A 4   . ? 1_555 ? 
2  AC1 18 G   A 3  ? G   A 5   . ? 1_555 ? 
3  AC1 18 U   A 4  ? U   A 6   . ? 1_555 ? 
4  AC1 18 C   A 5  ? C   A 7   . ? 1_555 ? 
5  AC1 18 G   A 6  ? G   A 8   . ? 1_555 ? 
6  AC1 18 C   A 7  ? C   A 9   . ? 1_555 ? 
7  AC1 18 G   A 14 ? G   A 16  . ? 8_555 ? 
8  AC1 18 G   A 17 ? G   A 19  . ? 8_555 ? 
9  AC1 18 U   A 18 ? U   A 20  . ? 8_555 ? 
10 AC1 18 HOH C .  ? HOH A 403 . ? 1_555 ? 
11 AC1 18 HOH C .  ? HOH A 408 . ? 1_555 ? 
12 AC1 18 HOH C .  ? HOH A 410 . ? 1_555 ? 
13 AC1 18 HOH C .  ? HOH A 425 . ? 8_555 ? 
14 AC1 18 HOH C .  ? HOH A 433 . ? 1_555 ? 
15 AC1 18 HOH C .  ? HOH A 437 . ? 1_555 ? 
16 AC1 18 HOH C .  ? HOH A 462 . ? 8_555 ? 
17 AC1 18 HOH C .  ? HOH A 463 . ? 1_555 ? 
18 AC1 18 HOH C .  ? HOH A 464 . ? 1_555 ? 
# 
_pdbx_struct_special_symmetry.id              1 
_pdbx_struct_special_symmetry.PDB_model_num   1 
_pdbx_struct_special_symmetry.auth_asym_id    A 
_pdbx_struct_special_symmetry.auth_comp_id    HOH 
_pdbx_struct_special_symmetry.auth_seq_id     457 
_pdbx_struct_special_symmetry.PDB_ins_code    ? 
_pdbx_struct_special_symmetry.label_asym_id   C 
_pdbx_struct_special_symmetry.label_comp_id   HOH 
_pdbx_struct_special_symmetry.label_seq_id    . 
# 
loop_
_chem_comp_atom.comp_id 
_chem_comp_atom.atom_id 
_chem_comp_atom.type_symbol 
_chem_comp_atom.pdbx_aromatic_flag 
_chem_comp_atom.pdbx_stereo_config 
_chem_comp_atom.pdbx_ordinal 
A   OP3    O N N 1   
A   P      P N N 2   
A   OP1    O N N 3   
A   OP2    O N N 4   
A   "O5'"  O N N 5   
A   "C5'"  C N N 6   
A   "C4'"  C N R 7   
A   "O4'"  O N N 8   
A   "C3'"  C N S 9   
A   "O3'"  O N N 10  
A   "C2'"  C N R 11  
A   "O2'"  O N N 12  
A   "C1'"  C N R 13  
A   N9     N Y N 14  
A   C8     C Y N 15  
A   N7     N Y N 16  
A   C5     C Y N 17  
A   C6     C Y N 18  
A   N6     N N N 19  
A   N1     N Y N 20  
A   C2     C Y N 21  
A   N3     N Y N 22  
A   C4     C Y N 23  
A   HOP3   H N N 24  
A   HOP2   H N N 25  
A   "H5'"  H N N 26  
A   "H5''" H N N 27  
A   "H4'"  H N N 28  
A   "H3'"  H N N 29  
A   "HO3'" H N N 30  
A   "H2'"  H N N 31  
A   "HO2'" H N N 32  
A   "H1'"  H N N 33  
A   H8     H N N 34  
A   H61    H N N 35  
A   H62    H N N 36  
A   H2     H N N 37  
C   OP3    O N N 38  
C   P      P N N 39  
C   OP1    O N N 40  
C   OP2    O N N 41  
C   "O5'"  O N N 42  
C   "C5'"  C N N 43  
C   "C4'"  C N R 44  
C   "O4'"  O N N 45  
C   "C3'"  C N S 46  
C   "O3'"  O N N 47  
C   "C2'"  C N R 48  
C   "O2'"  O N N 49  
C   "C1'"  C N R 50  
C   N1     N N N 51  
C   C2     C N N 52  
C   O2     O N N 53  
C   N3     N N N 54  
C   C4     C N N 55  
C   N4     N N N 56  
C   C5     C N N 57  
C   C6     C N N 58  
C   HOP3   H N N 59  
C   HOP2   H N N 60  
C   "H5'"  H N N 61  
C   "H5''" H N N 62  
C   "H4'"  H N N 63  
C   "H3'"  H N N 64  
C   "HO3'" H N N 65  
C   "H2'"  H N N 66  
C   "HO2'" H N N 67  
C   "H1'"  H N N 68  
C   H41    H N N 69  
C   H42    H N N 70  
C   H5     H N N 71  
C   H6     H N N 72  
FSJ C11    C N S 73  
FSJ C12    C N R 74  
FSJ C13    C N R 75  
FSJ C21    C N R 76  
FSJ C22    C N N 77  
FSJ C23    C N R 78  
FSJ C31    C N N 79  
FSJ C32    C N S 80  
FSJ C33    C N R 81  
FSJ C41    C N N 82  
FSJ C42    C N R 83  
FSJ C43    C N R 84  
FSJ C51    C N N 85  
FSJ C52    C N S 86  
FSJ C53    C N N 87  
FSJ C61    C N N 88  
FSJ C62    C N S 89  
FSJ C83    C N N 90  
FSJ C93    C N N 91  
FSJ N12    N N N 92  
FSJ N21    N N N 93  
FSJ N32    N N N 94  
FSJ N33    N N N 95  
FSJ F61    F N N 96  
FSJ O11    O N N 97  
FSJ O23    O N N 98  
FSJ O43    O N N 99  
FSJ O51    O N N 100 
FSJ O52    O N N 101 
FSJ O53    O N N 102 
FSJ O62    O N N 103 
FSJ H1     H N N 104 
FSJ H2     H N N 105 
FSJ H3     H N N 106 
FSJ H4     H N N 107 
FSJ H5     H N N 108 
FSJ H6     H N N 109 
FSJ H7     H N N 110 
FSJ H8     H N N 111 
FSJ H9     H N N 112 
FSJ H10    H N N 113 
FSJ H11    H N N 114 
FSJ H12    H N N 115 
FSJ H13    H N N 116 
FSJ H14    H N N 117 
FSJ H15    H N N 118 
FSJ H16    H N N 119 
FSJ H17    H N N 120 
FSJ H18    H N N 121 
FSJ H19    H N N 122 
FSJ H20    H N N 123 
FSJ H21    H N N 124 
FSJ H22    H N N 125 
FSJ H23    H N N 126 
FSJ H24    H N N 127 
FSJ H25    H N N 128 
FSJ H26    H N N 129 
FSJ H27    H N N 130 
FSJ H29    H N N 131 
FSJ H30    H N N 132 
FSJ H32    H N N 133 
FSJ H33    H N N 134 
FSJ H35    H N N 135 
FSJ H37    H N N 136 
FSJ H38    H N N 137 
FSJ H39    H N N 138 
G   OP3    O N N 139 
G   P      P N N 140 
G   OP1    O N N 141 
G   OP2    O N N 142 
G   "O5'"  O N N 143 
G   "C5'"  C N N 144 
G   "C4'"  C N R 145 
G   "O4'"  O N N 146 
G   "C3'"  C N S 147 
G   "O3'"  O N N 148 
G   "C2'"  C N R 149 
G   "O2'"  O N N 150 
G   "C1'"  C N R 151 
G   N9     N Y N 152 
G   C8     C Y N 153 
G   N7     N Y N 154 
G   C5     C Y N 155 
G   C6     C N N 156 
G   O6     O N N 157 
G   N1     N N N 158 
G   C2     C N N 159 
G   N2     N N N 160 
G   N3     N N N 161 
G   C4     C Y N 162 
G   HOP3   H N N 163 
G   HOP2   H N N 164 
G   "H5'"  H N N 165 
G   "H5''" H N N 166 
G   "H4'"  H N N 167 
G   "H3'"  H N N 168 
G   "HO3'" H N N 169 
G   "H2'"  H N N 170 
G   "HO2'" H N N 171 
G   "H1'"  H N N 172 
G   H8     H N N 173 
G   H1     H N N 174 
G   H21    H N N 175 
G   H22    H N N 176 
HOH O      O N N 177 
HOH H1     H N N 178 
HOH H2     H N N 179 
U   OP3    O N N 180 
U   P      P N N 181 
U   OP1    O N N 182 
U   OP2    O N N 183 
U   "O5'"  O N N 184 
U   "C5'"  C N N 185 
U   "C4'"  C N R 186 
U   "O4'"  O N N 187 
U   "C3'"  C N S 188 
U   "O3'"  O N N 189 
U   "C2'"  C N R 190 
U   "O2'"  O N N 191 
U   "C1'"  C N R 192 
U   N1     N N N 193 
U   C2     C N N 194 
U   O2     O N N 195 
U   N3     N N N 196 
U   C4     C N N 197 
U   O4     O N N 198 
U   C5     C N N 199 
U   C6     C N N 200 
U   HOP3   H N N 201 
U   HOP2   H N N 202 
U   "H5'"  H N N 203 
U   "H5''" H N N 204 
U   "H4'"  H N N 205 
U   "H3'"  H N N 206 
U   "HO3'" H N N 207 
U   "H2'"  H N N 208 
U   "HO2'" H N N 209 
U   "H1'"  H N N 210 
U   H3     H N N 211 
U   H5     H N N 212 
U   H6     H N N 213 
# 
loop_
_chem_comp_bond.comp_id 
_chem_comp_bond.atom_id_1 
_chem_comp_bond.atom_id_2 
_chem_comp_bond.value_order 
_chem_comp_bond.pdbx_aromatic_flag 
_chem_comp_bond.pdbx_stereo_config 
_chem_comp_bond.pdbx_ordinal 
A   OP3   P      sing N N 1   
A   OP3   HOP3   sing N N 2   
A   P     OP1    doub N N 3   
A   P     OP2    sing N N 4   
A   P     "O5'"  sing N N 5   
A   OP2   HOP2   sing N N 6   
A   "O5'" "C5'"  sing N N 7   
A   "C5'" "C4'"  sing N N 8   
A   "C5'" "H5'"  sing N N 9   
A   "C5'" "H5''" sing N N 10  
A   "C4'" "O4'"  sing N N 11  
A   "C4'" "C3'"  sing N N 12  
A   "C4'" "H4'"  sing N N 13  
A   "O4'" "C1'"  sing N N 14  
A   "C3'" "O3'"  sing N N 15  
A   "C3'" "C2'"  sing N N 16  
A   "C3'" "H3'"  sing N N 17  
A   "O3'" "HO3'" sing N N 18  
A   "C2'" "O2'"  sing N N 19  
A   "C2'" "C1'"  sing N N 20  
A   "C2'" "H2'"  sing N N 21  
A   "O2'" "HO2'" sing N N 22  
A   "C1'" N9     sing N N 23  
A   "C1'" "H1'"  sing N N 24  
A   N9    C8     sing Y N 25  
A   N9    C4     sing Y N 26  
A   C8    N7     doub Y N 27  
A   C8    H8     sing N N 28  
A   N7    C5     sing Y N 29  
A   C5    C6     sing Y N 30  
A   C5    C4     doub Y N 31  
A   C6    N6     sing N N 32  
A   C6    N1     doub Y N 33  
A   N6    H61    sing N N 34  
A   N6    H62    sing N N 35  
A   N1    C2     sing Y N 36  
A   C2    N3     doub Y N 37  
A   C2    H2     sing N N 38  
A   N3    C4     sing Y N 39  
C   OP3   P      sing N N 40  
C   OP3   HOP3   sing N N 41  
C   P     OP1    doub N N 42  
C   P     OP2    sing N N 43  
C   P     "O5'"  sing N N 44  
C   OP2   HOP2   sing N N 45  
C   "O5'" "C5'"  sing N N 46  
C   "C5'" "C4'"  sing N N 47  
C   "C5'" "H5'"  sing N N 48  
C   "C5'" "H5''" sing N N 49  
C   "C4'" "O4'"  sing N N 50  
C   "C4'" "C3'"  sing N N 51  
C   "C4'" "H4'"  sing N N 52  
C   "O4'" "C1'"  sing N N 53  
C   "C3'" "O3'"  sing N N 54  
C   "C3'" "C2'"  sing N N 55  
C   "C3'" "H3'"  sing N N 56  
C   "O3'" "HO3'" sing N N 57  
C   "C2'" "O2'"  sing N N 58  
C   "C2'" "C1'"  sing N N 59  
C   "C2'" "H2'"  sing N N 60  
C   "O2'" "HO2'" sing N N 61  
C   "C1'" N1     sing N N 62  
C   "C1'" "H1'"  sing N N 63  
C   N1    C2     sing N N 64  
C   N1    C6     sing N N 65  
C   C2    O2     doub N N 66  
C   C2    N3     sing N N 67  
C   N3    C4     doub N N 68  
C   C4    N4     sing N N 69  
C   C4    C5     sing N N 70  
C   N4    H41    sing N N 71  
C   N4    H42    sing N N 72  
C   C5    C6     doub N N 73  
C   C5    H5     sing N N 74  
C   C6    H6     sing N N 75  
FSJ C93   N33    sing N N 76  
FSJ N33   C33    sing N N 77  
FSJ O23   C23    sing N N 78  
FSJ C33   C23    sing N N 79  
FSJ C33   C43    sing N N 80  
FSJ C23   C13    sing N N 81  
FSJ C83   C43    sing N N 82  
FSJ O43   C43    sing N N 83  
FSJ C43   C53    sing N N 84  
FSJ N12   C12    sing N N 85  
FSJ O62   C13    sing N N 86  
FSJ O62   C62    sing N N 87  
FSJ C13   O53    sing N N 88  
FSJ C12   C62    sing N N 89  
FSJ C12   C22    sing N N 90  
FSJ C53   O53    sing N N 91  
FSJ C62   C52    sing N N 92  
FSJ C22   C32    sing N N 93  
FSJ C52   O52    sing N N 94  
FSJ C52   C42    sing N N 95  
FSJ C32   C42    sing N N 96  
FSJ C32   N32    sing N N 97  
FSJ C42   O11    sing N N 98  
FSJ N21   C21    sing N N 99  
FSJ O11   C11    sing N N 100 
FSJ C21   C31    sing N N 101 
FSJ C21   C11    sing N N 102 
FSJ C31   C41    sing N N 103 
FSJ C11   O51    sing N N 104 
FSJ C41   C51    doub N N 105 
FSJ O51   C51    sing N N 106 
FSJ C51   C61    sing N N 107 
FSJ C61   F61    sing N N 108 
FSJ C11   H1     sing N N 109 
FSJ C12   H2     sing N N 110 
FSJ C13   H3     sing N N 111 
FSJ C21   H4     sing N N 112 
FSJ C22   H5     sing N N 113 
FSJ C22   H6     sing N N 114 
FSJ C23   H7     sing N N 115 
FSJ C31   H8     sing N N 116 
FSJ C31   H9     sing N N 117 
FSJ C32   H10    sing N N 118 
FSJ C33   H11    sing N N 119 
FSJ C41   H12    sing N N 120 
FSJ C42   H13    sing N N 121 
FSJ C52   H14    sing N N 122 
FSJ C53   H15    sing N N 123 
FSJ C53   H16    sing N N 124 
FSJ C61   H17    sing N N 125 
FSJ C61   H18    sing N N 126 
FSJ C62   H19    sing N N 127 
FSJ C83   H20    sing N N 128 
FSJ C83   H21    sing N N 129 
FSJ C83   H22    sing N N 130 
FSJ C93   H23    sing N N 131 
FSJ C93   H24    sing N N 132 
FSJ C93   H25    sing N N 133 
FSJ N12   H26    sing N N 134 
FSJ N12   H27    sing N N 135 
FSJ N21   H29    sing N N 136 
FSJ N21   H30    sing N N 137 
FSJ N32   H32    sing N N 138 
FSJ N32   H33    sing N N 139 
FSJ N33   H35    sing N N 140 
FSJ O23   H37    sing N N 141 
FSJ O43   H38    sing N N 142 
FSJ O52   H39    sing N N 143 
G   OP3   P      sing N N 144 
G   OP3   HOP3   sing N N 145 
G   P     OP1    doub N N 146 
G   P     OP2    sing N N 147 
G   P     "O5'"  sing N N 148 
G   OP2   HOP2   sing N N 149 
G   "O5'" "C5'"  sing N N 150 
G   "C5'" "C4'"  sing N N 151 
G   "C5'" "H5'"  sing N N 152 
G   "C5'" "H5''" sing N N 153 
G   "C4'" "O4'"  sing N N 154 
G   "C4'" "C3'"  sing N N 155 
G   "C4'" "H4'"  sing N N 156 
G   "O4'" "C1'"  sing N N 157 
G   "C3'" "O3'"  sing N N 158 
G   "C3'" "C2'"  sing N N 159 
G   "C3'" "H3'"  sing N N 160 
G   "O3'" "HO3'" sing N N 161 
G   "C2'" "O2'"  sing N N 162 
G   "C2'" "C1'"  sing N N 163 
G   "C2'" "H2'"  sing N N 164 
G   "O2'" "HO2'" sing N N 165 
G   "C1'" N9     sing N N 166 
G   "C1'" "H1'"  sing N N 167 
G   N9    C8     sing Y N 168 
G   N9    C4     sing Y N 169 
G   C8    N7     doub Y N 170 
G   C8    H8     sing N N 171 
G   N7    C5     sing Y N 172 
G   C5    C6     sing N N 173 
G   C5    C4     doub Y N 174 
G   C6    O6     doub N N 175 
G   C6    N1     sing N N 176 
G   N1    C2     sing N N 177 
G   N1    H1     sing N N 178 
G   C2    N2     sing N N 179 
G   C2    N3     doub N N 180 
G   N2    H21    sing N N 181 
G   N2    H22    sing N N 182 
G   N3    C4     sing N N 183 
HOH O     H1     sing N N 184 
HOH O     H2     sing N N 185 
U   OP3   P      sing N N 186 
U   OP3   HOP3   sing N N 187 
U   P     OP1    doub N N 188 
U   P     OP2    sing N N 189 
U   P     "O5'"  sing N N 190 
U   OP2   HOP2   sing N N 191 
U   "O5'" "C5'"  sing N N 192 
U   "C5'" "C4'"  sing N N 193 
U   "C5'" "H5'"  sing N N 194 
U   "C5'" "H5''" sing N N 195 
U   "C4'" "O4'"  sing N N 196 
U   "C4'" "C3'"  sing N N 197 
U   "C4'" "H4'"  sing N N 198 
U   "O4'" "C1'"  sing N N 199 
U   "C3'" "O3'"  sing N N 200 
U   "C3'" "C2'"  sing N N 201 
U   "C3'" "H3'"  sing N N 202 
U   "O3'" "HO3'" sing N N 203 
U   "C2'" "O2'"  sing N N 204 
U   "C2'" "C1'"  sing N N 205 
U   "C2'" "H2'"  sing N N 206 
U   "O2'" "HO2'" sing N N 207 
U   "C1'" N1     sing N N 208 
U   "C1'" "H1'"  sing N N 209 
U   N1    C2     sing N N 210 
U   N1    C6     sing N N 211 
U   C2    O2     doub N N 212 
U   C2    N3     sing N N 213 
U   N3    C4     sing N N 214 
U   N3    H3     sing N N 215 
U   C4    O4     doub N N 216 
U   C4    C5     sing N N 217 
U   C5    C6     doub N N 218 
U   C5    H5     sing N N 219 
U   C6    H6     sing N N 220 
# 
loop_
_ndb_struct_conf_na.entry_id 
_ndb_struct_conf_na.feature 
5Z1I 'double helix'         
5Z1I 'a-form double helix'  
5Z1I 'mismatched base pair' 
5Z1I 'internal loop'        
# 
loop_
_ndb_struct_na_base_pair.model_number 
_ndb_struct_na_base_pair.i_label_asym_id 
_ndb_struct_na_base_pair.i_label_comp_id 
_ndb_struct_na_base_pair.i_label_seq_id 
_ndb_struct_na_base_pair.i_symmetry 
_ndb_struct_na_base_pair.j_label_asym_id 
_ndb_struct_na_base_pair.j_label_comp_id 
_ndb_struct_na_base_pair.j_label_seq_id 
_ndb_struct_na_base_pair.j_symmetry 
_ndb_struct_na_base_pair.shear 
_ndb_struct_na_base_pair.stretch 
_ndb_struct_na_base_pair.stagger 
_ndb_struct_na_base_pair.buckle 
_ndb_struct_na_base_pair.propeller 
_ndb_struct_na_base_pair.opening 
_ndb_struct_na_base_pair.pair_number 
_ndb_struct_na_base_pair.pair_name 
_ndb_struct_na_base_pair.i_auth_asym_id 
_ndb_struct_na_base_pair.i_auth_seq_id 
_ndb_struct_na_base_pair.i_PDB_ins_code 
_ndb_struct_na_base_pair.j_auth_asym_id 
_ndb_struct_na_base_pair.j_auth_seq_id 
_ndb_struct_na_base_pair.j_PDB_ins_code 
_ndb_struct_na_base_pair.hbond_type_28 
_ndb_struct_na_base_pair.hbond_type_12 
1 A G 1  1_555 A C 21 8_555 -0.484 -0.153 -0.211 -5.928 -4.745  -0.819 1  A_G3:C23_A  A 3  ? A 23 ? 19 1 
1 A C 2  1_555 A G 20 8_555 0.248  -0.190 0.059  2.351  -5.751  -1.315 2  A_C4:G22_A  A 4  ? A 22 ? 19 1 
1 A G 3  1_555 A C 19 8_555 -0.093 -0.152 -0.571 -1.134 -5.286  1.825  3  A_G5:C21_A  A 5  ? A 21 ? 19 1 
1 A U 4  1_555 A U 18 8_555 -2.253 -1.673 -0.315 21.259 -4.130  -4.914 4  A_U6:U20_A  A 6  ? A 20 ? 16 1 
1 A C 5  1_555 A G 17 8_555 0.187  -0.197 -0.781 10.968 -4.904  0.312  5  A_C7:G19_A  A 7  ? A 19 ? 19 1 
1 A G 1  8_555 A C 21 1_555 -0.484 -0.153 -0.211 -5.928 -4.745  -0.819 6  A_G3:C23_A  A 3  ? A 23 ? 19 1 
1 A C 2  8_555 A G 20 1_555 0.248  -0.190 0.059  2.351  -5.751  -1.315 7  A_C4:G22_A  A 4  ? A 22 ? 19 1 
1 A G 3  8_555 A C 19 1_555 -0.093 -0.152 -0.571 -1.134 -5.286  1.825  8  A_G5:C21_A  A 5  ? A 21 ? 19 1 
1 A U 4  8_555 A U 18 1_555 -2.253 -1.673 -0.315 21.259 -4.130  -4.914 9  A_U6:U20_A  A 6  ? A 20 ? 16 1 
1 A C 5  8_555 A G 17 1_555 0.187  -0.197 -0.781 10.968 -4.904  0.312  10 A_C7:G19_A  A 7  ? A 19 ? 19 1 
1 A C 7  1_555 A G 14 8_555 0.169  -0.254 -0.336 -0.887 -1.406  -0.436 11 A_C9:G16_A  A 9  ? A 16 ? 19 1 
1 A G 8  1_555 A C 13 8_555 -0.485 -0.233 0.016  -5.586 -16.284 3.291  12 A_G10:C15_A A 10 ? A 15 ? 19 1 
1 A C 9  1_555 A G 12 8_555 0.267  -0.309 0.089  -3.030 -12.474 -0.687 13 A_C11:G14_A A 11 ? A 14 ? 19 1 
1 A C 10 1_555 A G 11 8_555 -0.017 0.018  0.041  -1.299 -12.356 2.144  14 A_C12:G13_A A 12 ? A 13 ? 19 1 
1 A G 11 1_555 A C 10 8_555 0.017  0.018  0.041  1.299  -12.356 2.144  15 A_G13:C12_A A 13 ? A 12 ? 19 1 
1 A G 12 1_555 A C 9  8_555 -0.267 -0.309 0.089  3.030  -12.474 -0.687 16 A_G14:C11_A A 14 ? A 11 ? 19 1 
1 A C 13 1_555 A G 8  8_555 0.485  -0.233 0.016  5.586  -16.284 3.291  17 A_C15:G10_A A 15 ? A 10 ? 19 1 
1 A G 14 1_555 A C 7  8_555 -0.169 -0.254 -0.336 0.887  -1.406  -0.436 18 A_G16:C9_A  A 16 ? A 9  ? 19 1 
# 
loop_
_ndb_struct_na_base_pair_step.model_number 
_ndb_struct_na_base_pair_step.i_label_asym_id_1 
_ndb_struct_na_base_pair_step.i_label_comp_id_1 
_ndb_struct_na_base_pair_step.i_label_seq_id_1 
_ndb_struct_na_base_pair_step.i_symmetry_1 
_ndb_struct_na_base_pair_step.j_label_asym_id_1 
_ndb_struct_na_base_pair_step.j_label_comp_id_1 
_ndb_struct_na_base_pair_step.j_label_seq_id_1 
_ndb_struct_na_base_pair_step.j_symmetry_1 
_ndb_struct_na_base_pair_step.i_label_asym_id_2 
_ndb_struct_na_base_pair_step.i_label_comp_id_2 
_ndb_struct_na_base_pair_step.i_label_seq_id_2 
_ndb_struct_na_base_pair_step.i_symmetry_2 
_ndb_struct_na_base_pair_step.j_label_asym_id_2 
_ndb_struct_na_base_pair_step.j_label_comp_id_2 
_ndb_struct_na_base_pair_step.j_label_seq_id_2 
_ndb_struct_na_base_pair_step.j_symmetry_2 
_ndb_struct_na_base_pair_step.shift 
_ndb_struct_na_base_pair_step.slide 
_ndb_struct_na_base_pair_step.rise 
_ndb_struct_na_base_pair_step.tilt 
_ndb_struct_na_base_pair_step.roll 
_ndb_struct_na_base_pair_step.twist 
_ndb_struct_na_base_pair_step.x_displacement 
_ndb_struct_na_base_pair_step.y_displacement 
_ndb_struct_na_base_pair_step.helical_rise 
_ndb_struct_na_base_pair_step.inclination 
_ndb_struct_na_base_pair_step.tip 
_ndb_struct_na_base_pair_step.helical_twist 
_ndb_struct_na_base_pair_step.step_number 
_ndb_struct_na_base_pair_step.step_name 
_ndb_struct_na_base_pair_step.i_auth_asym_id_1 
_ndb_struct_na_base_pair_step.i_auth_seq_id_1 
_ndb_struct_na_base_pair_step.i_PDB_ins_code_1 
_ndb_struct_na_base_pair_step.j_auth_asym_id_1 
_ndb_struct_na_base_pair_step.j_auth_seq_id_1 
_ndb_struct_na_base_pair_step.j_PDB_ins_code_1 
_ndb_struct_na_base_pair_step.i_auth_asym_id_2 
_ndb_struct_na_base_pair_step.i_auth_seq_id_2 
_ndb_struct_na_base_pair_step.i_PDB_ins_code_2 
_ndb_struct_na_base_pair_step.j_auth_asym_id_2 
_ndb_struct_na_base_pair_step.j_auth_seq_id_2 
_ndb_struct_na_base_pair_step.j_PDB_ins_code_2 
1 A G 1  1_555 A C 21 8_555 A C 2  1_555 A G 20 8_555 -0.354 -1.384 3.176 -2.733 2.187  34.810 -2.620 0.192  3.104 3.644  4.555  
34.980 1  AA_G3C4:G22C23_AA   A 3  ? A 23 ? A 4  ? A 22 ? 
1 A C 2  1_555 A G 20 8_555 A G 3  1_555 A C 19 8_555 0.109  -1.494 3.374 2.768  10.248 28.560 -4.810 0.323  2.688 19.925 -5.382 
30.430 2  AA_C4G5:C21G22_AA   A 4  ? A 22 ? A 5  ? A 21 ? 
1 A G 3  1_555 A C 19 8_555 A U 4  1_555 A U 18 8_555 -0.348 -1.771 2.645 -6.359 2.968  22.822 -5.049 -0.800 2.405 7.282  15.603 
23.863 3  AA_G5U6:U20C21_AA   A 5  ? A 21 ? A 6  ? A 20 ? 
1 A U 4  1_555 A U 18 8_555 A C 5  1_555 A G 17 8_555 0.584  -2.392 3.803 0.184  3.918  42.211 -3.760 -0.786 3.579 5.426  -0.255 
42.385 4  AA_U6C7:G19U20_AA   A 6  ? A 20 ? A 7  ? A 19 ? 
1 A G 1  8_555 A C 21 1_555 A C 2  8_555 A G 20 1_555 -0.354 -1.384 3.176 -2.733 2.187  34.810 -2.620 0.192  3.104 3.644  4.555  
34.980 5  AA_G3C4:G22C23_AA   A 3  ? A 23 ? A 4  ? A 22 ? 
1 A C 2  8_555 A G 20 1_555 A G 3  8_555 A C 19 1_555 0.109  -1.494 3.374 2.768  10.248 28.560 -4.810 0.323  2.688 19.925 -5.382 
30.430 6  AA_C4G5:C21G22_AA   A 4  ? A 22 ? A 5  ? A 21 ? 
1 A G 3  8_555 A C 19 1_555 A U 4  8_555 A U 18 1_555 -0.348 -1.771 2.645 -6.359 2.968  22.822 -5.049 -0.800 2.405 7.282  15.603 
23.863 7  AA_G5U6:U20C21_AA   A 5  ? A 21 ? A 6  ? A 20 ? 
1 A U 4  8_555 A U 18 1_555 A C 5  8_555 A G 17 1_555 0.584  -2.392 3.803 0.184  3.918  42.211 -3.760 -0.786 3.579 5.426  -0.255 
42.385 8  AA_U6C7:G19U20_AA   A 6  ? A 20 ? A 7  ? A 19 ? 
1 A C 7  1_555 A G 14 8_555 A G 8  1_555 A C 13 8_555 0.031  -1.702 3.232 -1.490 16.641 25.827 -5.976 -0.306 1.821 33.176 2.970  
30.682 9  AA_C9G10:C15G16_AA  A 9  ? A 16 ? A 10 ? A 15 ? 
1 A G 8  1_555 A C 13 8_555 A C 9  1_555 A G 12 8_555 -0.468 -1.286 3.159 -1.467 4.843  36.747 -2.634 0.551  2.987 7.638  2.314  
37.082 10 AA_G10C11:G14C15_AA A 10 ? A 15 ? A 11 ? A 14 ? 
1 A C 9  1_555 A G 12 8_555 A C 10 1_555 A G 11 8_555 0.404  -1.105 3.081 2.851  6.902  32.254 -3.005 -0.269 2.815 12.220 -5.048 
33.085 11 AA_C11C12:G13G14_AA A 11 ? A 14 ? A 12 ? A 13 ? 
1 A C 10 1_555 A G 11 8_555 A G 11 1_555 A C 10 8_555 0.000  -1.236 3.115 0.000  8.859  29.507 -3.886 0.000  2.641 16.919 0.000  
30.780 12 AA_C12G13:C12G13_AA A 12 ? A 13 ? A 13 ? A 12 ? 
1 A G 11 1_555 A C 10 8_555 A G 12 1_555 A C 9  8_555 -0.404 -1.105 3.081 -2.851 6.902  32.254 -3.005 0.269  2.815 12.220 5.048  
33.085 13 AA_G13G14:C11C12_AA A 13 ? A 12 ? A 14 ? A 11 ? 
1 A G 12 1_555 A C 9  8_555 A C 13 1_555 A G 8  8_555 0.468  -1.286 3.159 1.467  4.843  36.747 -2.634 -0.551 2.987 7.638  -2.314 
37.082 14 AA_G14C15:G10C11_AA A 14 ? A 11 ? A 15 ? A 10 ? 
1 A C 13 1_555 A G 8  8_555 A G 14 1_555 A C 7  8_555 -0.031 -1.702 3.232 1.490  16.641 25.827 -5.976 0.306  1.821 33.176 -2.970 
30.682 15 AA_C15G16:C9G10_AA  A 15 ? A 10 ? A 16 ? A 9  ? 
# 
_pdbx_audit_support.funding_organization   'Ministry of Education, Culture, Sports, Science and Technology (Japan)' 
_pdbx_audit_support.country                Japan 
_pdbx_audit_support.grant_number           17K08248 
_pdbx_audit_support.ordinal                1 
# 
_atom_sites.entry_id                    5Z1I 
_atom_sites.fract_transf_matrix[1][1]   0.00567899 
_atom_sites.fract_transf_matrix[1][2]   -0.00751794 
_atom_sites.fract_transf_matrix[1][3]   -0.01950236 
_atom_sites.fract_transf_matrix[2][1]   -0.01827717 
_atom_sites.fract_transf_matrix[2][2]   0.00801753 
_atom_sites.fract_transf_matrix[2][3]   -0.00841289 
_atom_sites.fract_transf_matrix[3][1]   0.00406014 
_atom_sites.fract_transf_matrix[3][2]   0.00747335 
_atom_sites.fract_transf_matrix[3][3]   -0.00169860 
_atom_sites.fract_transf_vector[1]      -0.215029 
_atom_sites.fract_transf_vector[2]      0.254564 
_atom_sites.fract_transf_vector[3]      -0.010078 
# 
loop_
_atom_type.symbol 
C 
F 
N 
O 
P 
# 
loop_
_atom_site.group_PDB 
_atom_site.id 
_atom_site.type_symbol 
_atom_site.label_atom_id 
_atom_site.label_alt_id 
_atom_site.label_comp_id 
_atom_site.label_asym_id 
_atom_site.label_entity_id 
_atom_site.label_seq_id 
_atom_site.pdbx_PDB_ins_code 
_atom_site.Cartn_x 
_atom_site.Cartn_y 
_atom_site.Cartn_z 
_atom_site.occupancy 
_atom_site.B_iso_or_equiv 
_atom_site.pdbx_formal_charge 
_atom_site.auth_seq_id 
_atom_site.auth_comp_id 
_atom_site.auth_asym_id 
_atom_site.auth_atom_id 
_atom_site.pdbx_PDB_model_num 
ATOM   1   P P     . G   A 1 1  ? 7.695   26.373  -2.035  1.00 60.22  ? 3   G   A P     1 
ATOM   2   O OP1   . G   A 1 1  ? 6.673   26.016  -0.963  1.00 52.82  ? 3   G   A OP1   1 
ATOM   3   O OP2   . G   A 1 1  ? 8.470   27.644  -1.714  1.00 53.67  ? 3   G   A OP2   1 
ATOM   4   O "O5'" . G   A 1 1  ? 6.841   26.710  -3.383  1.00 39.18  ? 3   G   A "O5'" 1 
ATOM   5   C "C5'" . G   A 1 1  ? 5.784   27.690  -3.368  1.00 34.85  ? 3   G   A "C5'" 1 
ATOM   6   C "C4'" . G   A 1 1  ? 5.201   27.850  -4.752  1.00 35.74  ? 3   G   A "C4'" 1 
ATOM   7   O "O4'" . G   A 1 1  ? 6.192   28.440  -5.634  1.00 34.93  ? 3   G   A "O4'" 1 
ATOM   8   C "C3'" . G   A 1 1  ? 4.804   26.554  -5.441  1.00 28.47  ? 3   G   A "C3'" 1 
ATOM   9   O "O3'" . G   A 1 1  ? 3.504   26.147  -5.033  1.00 29.35  ? 3   G   A "O3'" 1 
ATOM   10  C "C2'" . G   A 1 1  ? 4.870   26.939  -6.913  1.00 27.87  ? 3   G   A "C2'" 1 
ATOM   11  O "O2'" . G   A 1 1  ? 3.729   27.645  -7.359  1.00 28.32  ? 3   G   A "O2'" 1 
ATOM   12  C "C1'" . G   A 1 1  ? 6.087   27.864  -6.926  1.00 28.91  ? 3   G   A "C1'" 1 
ATOM   13  N N9    . G   A 1 1  ? 7.340   27.172  -7.217  1.00 27.99  ? 3   G   A N9    1 
ATOM   14  C C8    . G   A 1 1  ? 8.367   26.914  -6.342  1.00 29.39  ? 3   G   A C8    1 
ATOM   15  N N7    . G   A 1 1  ? 9.367   26.285  -6.895  1.00 27.99  ? 3   G   A N7    1 
ATOM   16  C C5    . G   A 1 1  ? 8.976   26.114  -8.214  1.00 27.83  ? 3   G   A C5    1 
ATOM   17  C C6    . G   A 1 1  ? 9.648   25.497  -9.289  1.00 23.40  ? 3   G   A C6    1 
ATOM   18  O O6    . G   A 1 1  ? 10.760  24.961  -9.292  1.00 32.08  ? 3   G   A O6    1 
ATOM   19  N N1    . G   A 1 1  ? 8.893   25.541  -10.455 1.00 23.89  ? 3   G   A N1    1 
ATOM   20  C C2    . G   A 1 1  ? 7.646   26.105  -10.570 1.00 24.79  ? 3   G   A C2    1 
ATOM   21  N N2    . G   A 1 1  ? 7.076   26.047  -11.782 1.00 25.54  ? 3   G   A N2    1 
ATOM   22  N N3    . G   A 1 1  ? 7.005   26.683  -9.569  1.00 26.48  ? 3   G   A N3    1 
ATOM   23  C C4    . G   A 1 1  ? 7.725   26.653  -8.428  1.00 25.65  ? 3   G   A C4    1 
ATOM   24  P P     . C   A 1 2  ? 3.153   24.583  -4.939  1.00 25.06  ? 4   C   A P     1 
ATOM   25  O OP1   . C   A 1 2  ? 1.836   24.469  -4.269  1.00 26.77  ? 4   C   A OP1   1 
ATOM   26  O OP2   . C   A 1 2  ? 4.329   23.862  -4.378  1.00 25.97  ? 4   C   A OP2   1 
ATOM   27  O "O5'" . C   A 1 2  ? 2.990   24.152  -6.464  1.00 26.45  ? 4   C   A "O5'" 1 
ATOM   28  C "C5'" . C   A 1 2  ? 1.949   24.698  -7.267  1.00 22.66  ? 4   C   A "C5'" 1 
ATOM   29  C "C4'" . C   A 1 2  ? 2.103   24.254  -8.705  1.00 20.95  ? 4   C   A "C4'" 1 
ATOM   30  O "O4'" . C   A 1 2  ? 3.289   24.862  -9.291  1.00 19.76  ? 4   C   A "O4'" 1 
ATOM   31  C "C3'" . C   A 1 2  ? 2.330   22.769  -8.925  1.00 18.68  ? 4   C   A "C3'" 1 
ATOM   32  O "O3'" . C   A 1 2  ? 1.139   22.005  -8.806  1.00 18.63  ? 4   C   A "O3'" 1 
ATOM   33  C "C2'" . C   A 1 2  ? 2.925   22.768  -10.324 1.00 18.59  ? 4   C   A "C2'" 1 
ATOM   34  O "O2'" . C   A 1 2  ? 1.976   23.045  -11.337 1.00 16.58  ? 4   C   A "O2'" 1 
ATOM   35  C "C1'" . C   A 1 2  ? 3.886   23.951  -10.209 1.00 19.42  ? 4   C   A "C1'" 1 
ATOM   36  N N1    . C   A 1 2  ? 5.201   23.527  -9.682  1.00 19.70  ? 4   C   A N1    1 
ATOM   37  C C2    . C   A 1 2  ? 6.112   22.926  -10.559 1.00 18.25  ? 4   C   A C2    1 
ATOM   38  O O2    . C   A 1 2  ? 5.784   22.752  -11.741 1.00 19.82  ? 4   C   A O2    1 
ATOM   39  N N3    . C   A 1 2  ? 7.322   22.537  -10.095 1.00 19.97  ? 4   C   A N3    1 
ATOM   40  C C4    . C   A 1 2  ? 7.633   22.715  -8.808  1.00 19.79  ? 4   C   A C4    1 
ATOM   41  N N4    . C   A 1 2  ? 8.842   22.311  -8.394  1.00 22.25  ? 4   C   A N4    1 
ATOM   42  C C5    . C   A 1 2  ? 6.721   23.314  -7.890  1.00 20.29  ? 4   C   A C5    1 
ATOM   43  C C6    . C   A 1 2  ? 5.530   23.706  -8.365  1.00 19.67  ? 4   C   A C6    1 
ATOM   44  P P     . G   A 1 3  ? 1.202   20.544  -8.142  1.00 18.92  ? 5   G   A P     1 
ATOM   45  O OP1   . G   A 1 3  ? -0.178  20.150  -7.775  1.00 20.32  ? 5   G   A OP1   1 
ATOM   46  O OP2   . G   A 1 3  ? 2.270   20.500  -7.116  1.00 17.83  ? 5   G   A OP2   1 
ATOM   47  O "O5'" . G   A 1 3  ? 1.692   19.611  -9.333  1.00 16.87  ? 5   G   A "O5'" 1 
ATOM   48  C "C5'" . G   A 1 3  ? 0.905   19.456  -10.503 1.00 19.61  ? 5   G   A "C5'" 1 
ATOM   49  C "C4'" . G   A 1 3  ? 1.734   18.842  -11.606 1.00 15.99  ? 5   G   A "C4'" 1 
ATOM   50  O "O4'" . G   A 1 3  ? 2.824   19.740  -11.953 1.00 14.25  ? 5   G   A "O4'" 1 
ATOM   51  C "C3'" . G   A 1 3  ? 2.446   17.545  -11.262 1.00 15.99  ? 5   G   A "C3'" 1 
ATOM   52  O "O3'" . G   A 1 3  ? 1.564   16.430  -11.312 1.00 16.93  ? 5   G   A "O3'" 1 
ATOM   53  C "C2'" . G   A 1 3  ? 3.520   17.518  -12.339 1.00 15.14  ? 5   G   A "C2'" 1 
ATOM   54  O "O2'" . G   A 1 3  ? 3.000   17.205  -13.618 1.00 15.93  ? 5   G   A "O2'" 1 
ATOM   55  C "C1'" . G   A 1 3  ? 3.975   18.979  -12.313 1.00 15.99  ? 5   G   A "C1'" 1 
ATOM   56  N N9    . G   A 1 3  ? 5.005   19.177  -11.296 1.00 15.76  ? 5   G   A N9    1 
ATOM   57  C C8    . G   A 1 3  ? 4.857   19.762  -10.058 1.00 13.79  ? 5   G   A C8    1 
ATOM   58  N N7    . G   A 1 3  ? 5.952   19.738  -9.346  1.00 15.74  ? 5   G   A N7    1 
ATOM   59  C C5    . G   A 1 3  ? 6.883   19.111  -10.163 1.00 15.25  ? 5   G   A C5    1 
ATOM   60  C C6    . G   A 1 3  ? 8.238   18.783  -9.924  1.00 17.45  ? 5   G   A C6    1 
ATOM   61  O O6    . G   A 1 3  ? 8.907   18.985  -8.907  1.00 15.89  ? 5   G   A O6    1 
ATOM   62  N N1    . G   A 1 3  ? 8.815   18.150  -11.022 1.00 15.82  ? 5   G   A N1    1 
ATOM   63  C C2    . G   A 1 3  ? 8.169   17.866  -12.198 1.00 17.14  ? 5   G   A C2    1 
ATOM   64  N N2    . G   A 1 3  ? 8.904   17.257  -13.149 1.00 16.19  ? 5   G   A N2    1 
ATOM   65  N N3    . G   A 1 3  ? 6.898   18.157  -12.431 1.00 14.80  ? 5   G   A N3    1 
ATOM   66  C C4    . G   A 1 3  ? 6.321   18.774  -11.377 1.00 15.58  ? 5   G   A C4    1 
ATOM   67  P P     . U   A 1 4  ? 1.908   15.096  -10.482 1.00 17.65  ? 6   U   A P     1 
ATOM   68  O OP1   . U   A 1 4  ? 0.692   14.244  -10.559 1.00 16.11  ? 6   U   A OP1   1 
ATOM   69  O OP2   . U   A 1 4  ? 2.485   15.422  -9.157  1.00 18.36  ? 6   U   A OP2   1 
ATOM   70  O "O5'" . U   A 1 4  ? 3.059   14.404  -11.336 1.00 16.50  ? 6   U   A "O5'" 1 
ATOM   71  C "C5'" . U   A 1 4  ? 2.816   13.989  -12.676 1.00 14.13  ? 6   U   A "C5'" 1 
ATOM   72  C "C4'" . U   A 1 4  ? 4.047   13.338  -13.247 1.00 15.87  ? 6   U   A "C4'" 1 
ATOM   73  O "O4'" . U   A 1 4  ? 5.123   14.313  -13.311 1.00 15.19  ? 6   U   A "O4'" 1 
ATOM   74  C "C3'" . U   A 1 4  ? 4.648   12.223  -12.413 1.00 16.32  ? 6   U   A "C3'" 1 
ATOM   75  O "O3'" . U   A 1 4  ? 3.953   10.997  -12.578 1.00 15.79  ? 6   U   A "O3'" 1 
ATOM   76  C "C2'" . U   A 1 4  ? 6.057   12.161  -12.977 1.00 15.79  ? 6   U   A "C2'" 1 
ATOM   77  O "O2'" . U   A 1 4  ? 6.091   11.539  -14.249 1.00 17.75  ? 6   U   A "O2'" 1 
ATOM   78  C "C1'" . U   A 1 4  ? 6.372   13.651  -13.131 1.00 15.73  ? 6   U   A "C1'" 1 
ATOM   79  N N1    . U   A 1 4  ? 7.049   14.205  -11.943 1.00 15.52  ? 6   U   A N1    1 
ATOM   80  C C2    . U   A 1 4  ? 8.423   14.004  -11.835 1.00 16.03  ? 6   U   A C2    1 
ATOM   81  O O2    . U   A 1 4  ? 9.085   13.426  -12.693 1.00 18.99  ? 6   U   A O2    1 
ATOM   82  N N3    . U   A 1 4  ? 8.993   14.503  -10.688 1.00 14.32  ? 6   U   A N3    1 
ATOM   83  C C4    . U   A 1 4  ? 8.356   15.172  -9.662  1.00 16.68  ? 6   U   A C4    1 
ATOM   84  O O4    . U   A 1 4  ? 8.996   15.496  -8.661  1.00 15.12  ? 6   U   A O4    1 
ATOM   85  C C5    . U   A 1 4  ? 6.949   15.361  -9.856  1.00 14.46  ? 6   U   A C5    1 
ATOM   86  C C6    . U   A 1 4  ? 6.358   14.885  -10.961 1.00 13.75  ? 6   U   A C6    1 
ATOM   87  P P     . C   A 1 5  ? 3.819   9.988   -11.333 1.00 19.18  ? 7   C   A P     1 
ATOM   88  O OP1   . C   A 1 5  ? 2.976   8.852   -11.785 1.00 19.39  ? 7   C   A OP1   1 
ATOM   89  O OP2   . C   A 1 5  ? 3.430   10.753  -10.115 1.00 18.95  ? 7   C   A OP2   1 
ATOM   90  O "O5'" . C   A 1 5  ? 5.301   9.457   -11.104 1.00 16.57  ? 7   C   A "O5'" 1 
ATOM   91  C "C5'" . C   A 1 5  ? 5.993   8.776   -12.142 1.00 20.06  ? 7   C   A "C5'" 1 
ATOM   92  C "C4'" . C   A 1 5  ? 7.428   8.558   -11.753 1.00 18.92  ? 7   C   A "C4'" 1 
ATOM   93  O "O4'" . C   A 1 5  ? 8.123   9.834   -11.658 1.00 18.22  ? 7   C   A "O4'" 1 
ATOM   94  C "C3'" . C   A 1 5  ? 7.650   7.950   -10.384 1.00 19.23  ? 7   C   A "C3'" 1 
ATOM   95  O "O3'" . C   A 1 5  ? 7.398   6.553   -10.370 1.00 19.05  ? 7   C   A "O3'" 1 
ATOM   96  C "C2'" . C   A 1 5  ? 9.107   8.306   -10.147 1.00 18.32  ? 7   C   A "C2'" 1 
ATOM   97  O "O2'" . C   A 1 5  ? 9.993   7.523   -10.925 1.00 18.35  ? 7   C   A "O2'" 1 
ATOM   98  C "C1'" . C   A 1 5  ? 9.123   9.753   -10.648 1.00 15.94  ? 7   C   A "C1'" 1 
ATOM   99  N N1    . C   A 1 5  ? 8.802   10.705  -9.556  1.00 16.59  ? 7   C   A N1    1 
ATOM   100 C C2    . C   A 1 5  ? 9.801   11.004  -8.613  1.00 16.69  ? 7   C   A C2    1 
ATOM   101 O O2    . C   A 1 5  ? 10.930  10.503  -8.749  1.00 16.63  ? 7   C   A O2    1 
ATOM   102 N N3    . C   A 1 5  ? 9.514   11.831  -7.580  1.00 15.84  ? 7   C   A N3    1 
ATOM   103 C C4    . C   A 1 5  ? 8.298   12.365  -7.469  1.00 16.41  ? 7   C   A C4    1 
ATOM   104 N N4    . C   A 1 5  ? 8.067   13.172  -6.427  1.00 14.68  ? 7   C   A N4    1 
ATOM   105 C C5    . C   A 1 5  ? 7.264   12.095  -8.420  1.00 17.06  ? 7   C   A C5    1 
ATOM   106 C C6    . C   A 1 5  ? 7.559   11.268  -9.440  1.00 14.60  ? 7   C   A C6    1 
ATOM   107 P P     . G   A 1 6  ? 6.725   5.878   -9.072  1.00 24.43  ? 8   G   A P     1 
ATOM   108 O OP1   . G   A 1 6  ? 6.335   4.497   -9.458  1.00 30.35  ? 8   G   A OP1   1 
ATOM   109 O OP2   . G   A 1 6  ? 5.706   6.792   -8.502  1.00 22.65  ? 8   G   A OP2   1 
ATOM   110 O "O5'" . G   A 1 6  ? 7.921   5.783   -8.032  1.00 21.96  ? 8   G   A "O5'" 1 
ATOM   111 C "C5'" . G   A 1 6  ? 9.129   5.117   -8.373  1.00 22.89  ? 8   G   A "C5'" 1 
ATOM   112 C "C4'" . G   A 1 6  ? 10.180  5.380   -7.328  1.00 21.85  ? 8   G   A "C4'" 1 
ATOM   113 O "O4'" . G   A 1 6  ? 10.428  6.810   -7.254  1.00 20.86  ? 8   G   A "O4'" 1 
ATOM   114 C "C3'" . G   A 1 6  ? 9.807   5.019   -5.899  1.00 22.81  ? 8   G   A "C3'" 1 
ATOM   115 O "O3'" . G   A 1 6  ? 9.972   3.627   -5.643  1.00 20.85  ? 8   G   A "O3'" 1 
ATOM   116 C "C2'" . G   A 1 6  ? 10.793  5.867   -5.112  1.00 20.38  ? 8   G   A "C2'" 1 
ATOM   117 O "O2'" . G   A 1 6  ? 12.105  5.340   -5.111  1.00 17.03  ? 8   G   A "O2'" 1 
ATOM   118 C "C1'" . G   A 1 6  ? 10.768  7.165   -5.919  1.00 21.85  ? 8   G   A "C1'" 1 
ATOM   119 N N9    . G   A 1 6  ? 9.767   8.096   -5.400  1.00 17.92  ? 8   G   A N9    1 
ATOM   120 C C8    . G   A 1 6  ? 8.586   8.485   -5.991  1.00 20.36  ? 8   G   A C8    1 
ATOM   121 N N7    . G   A 1 6  ? 7.881   9.295   -5.246  1.00 19.18  ? 8   G   A N7    1 
ATOM   122 C C5    . G   A 1 6  ? 8.649   9.459   -4.098  1.00 19.51  ? 8   G   A C5    1 
ATOM   123 C C6    . G   A 1 6  ? 8.397   10.221  -2.923  1.00 21.80  ? 8   G   A C6    1 
ATOM   124 O O6    . G   A 1 6  ? 7.411   10.923  -2.656  1.00 19.06  ? 8   G   A O6    1 
ATOM   125 N N1    . G   A 1 6  ? 9.441   10.108  -2.006  1.00 18.22  ? 8   G   A N1    1 
ATOM   126 C C2    . G   A 1 6  ? 10.580  9.359   -2.193  1.00 21.99  ? 8   G   A C2    1 
ATOM   127 N N2    . G   A 1 6  ? 11.475  9.382   -1.197  1.00 21.12  ? 8   G   A N2    1 
ATOM   128 N N3    . G   A 1 6  ? 10.823  8.642   -3.281  1.00 19.02  ? 8   G   A N3    1 
ATOM   129 C C4    . G   A 1 6  ? 9.820   8.738   -4.185  1.00 19.54  ? 8   G   A C4    1 
ATOM   130 P P     . C   A 1 7  ? 9.063   2.910   -4.530  1.00 22.96  ? 9   C   A P     1 
ATOM   131 O OP1   . C   A 1 7  ? 9.303   1.451   -4.662  1.00 21.24  ? 9   C   A OP1   1 
ATOM   132 O OP2   . C   A 1 7  ? 7.675   3.430   -4.600  1.00 19.40  ? 9   C   A OP2   1 
ATOM   133 O "O5'" . C   A 1 7  ? 9.705   3.391   -3.151  1.00 19.89  ? 9   C   A "O5'" 1 
ATOM   134 C "C5'" . C   A 1 7  ? 11.078  3.126   -2.858  1.00 18.79  ? 9   C   A "C5'" 1 
ATOM   135 C "C4'" . C   A 1 7  ? 11.445  3.665   -1.493  1.00 19.50  ? 9   C   A "C4'" 1 
ATOM   136 O "O4'" . C   A 1 7  ? 11.466  5.120   -1.498  1.00 20.75  ? 9   C   A "O4'" 1 
ATOM   137 C "C3'" . C   A 1 7  ? 10.471  3.317   -0.386  1.00 20.21  ? 9   C   A "C3'" 1 
ATOM   138 O "O3'" . C   A 1 7  ? 10.685  2.004   0.098   1.00 22.82  ? 9   C   A "O3'" 1 
ATOM   139 C "C2'" . C   A 1 7  ? 10.772  4.391   0.649   1.00 20.64  ? 9   C   A "C2'" 1 
ATOM   140 O "O2'" . C   A 1 7  ? 11.945  4.131   1.395   1.00 23.35  ? 9   C   A "O2'" 1 
ATOM   141 C "C1'" . C   A 1 7  ? 10.973  5.609   -0.253  1.00 20.53  ? 9   C   A "C1'" 1 
ATOM   142 N N1    . C   A 1 7  ? 9.706   6.335   -0.489  1.00 18.86  ? 9   C   A N1    1 
ATOM   143 C C2    . C   A 1 7  ? 9.244   7.232   0.493   1.00 21.14  ? 9   C   A C2    1 
ATOM   144 O O2    . C   A 1 7  ? 9.914   7.394   1.527   1.00 20.28  ? 9   C   A O2    1 
ATOM   145 N N3    . C   A 1 7  ? 8.078   7.896   0.288   1.00 20.61  ? 9   C   A N3    1 
ATOM   146 C C4    . C   A 1 7  ? 7.381   7.691   -0.832  1.00 21.13  ? 9   C   A C4    1 
ATOM   147 N N4    . C   A 1 7  ? 6.231   8.363   -0.989  1.00 20.66  ? 9   C   A N4    1 
ATOM   148 C C5    . C   A 1 7  ? 7.825   6.786   -1.843  1.00 20.01  ? 9   C   A C5    1 
ATOM   149 C C6    . C   A 1 7  ? 8.979   6.138   -1.634  1.00 19.84  ? 9   C   A C6    1 
ATOM   150 P P     . G   A 1 8  ? 9.463   1.200   0.752   1.00 24.91  ? 10  G   A P     1 
ATOM   151 O OP1   . G   A 1 8  ? 9.936   -0.179  1.022   1.00 24.58  ? 10  G   A OP1   1 
ATOM   152 O OP2   . G   A 1 8  ? 8.247   1.405   -0.072  1.00 27.15  ? 10  G   A OP2   1 
ATOM   153 O "O5'" . G   A 1 8  ? 9.249   1.941   2.146   1.00 22.04  ? 10  G   A "O5'" 1 
ATOM   154 C "C5'" . G   A 1 8  ? 10.292  1.965   3.117   1.00 24.49  ? 10  G   A "C5'" 1 
ATOM   155 C "C4'" . G   A 1 8  ? 9.910   2.844   4.279   1.00 22.73  ? 10  G   A "C4'" 1 
ATOM   156 O "O4'" . G   A 1 8  ? 9.753   4.211   3.826   1.00 23.66  ? 10  G   A "O4'" 1 
ATOM   157 C "C3'" . G   A 1 8  ? 8.580   2.525   4.937   1.00 25.43  ? 10  G   A "C3'" 1 
ATOM   158 O "O3'" . G   A 1 8  ? 8.710   1.452   5.859   1.00 30.94  ? 10  G   A "O3'" 1 
ATOM   159 C "C2'" . G   A 1 8  ? 8.255   3.839   5.629   1.00 28.24  ? 10  G   A "C2'" 1 
ATOM   160 O "O2'" . G   A 1 8  ? 8.972   4.007   6.834   1.00 28.84  ? 10  G   A "O2'" 1 
ATOM   161 C "C1'" . G   A 1 8  ? 8.738   4.848   4.586   1.00 24.05  ? 10  G   A "C1'" 1 
ATOM   162 N N9    . G   A 1 8  ? 7.671   5.267   3.681   1.00 25.56  ? 10  G   A N9    1 
ATOM   163 C C8    . G   A 1 8  ? 7.472   4.877   2.377   1.00 24.58  ? 10  G   A C8    1 
ATOM   164 N N7    . G   A 1 8  ? 6.426   5.436   1.829   1.00 26.34  ? 10  G   A N7    1 
ATOM   165 C C5    . G   A 1 8  ? 5.906   6.241   2.832   1.00 25.80  ? 10  G   A C5    1 
ATOM   166 C C6    . G   A 1 8  ? 4.775   7.093   2.828   1.00 26.48  ? 10  G   A C6    1 
ATOM   167 O O6    . G   A 1 8  ? 3.991   7.324   1.898   1.00 23.51  ? 10  G   A O6    1 
ATOM   168 N N1    . G   A 1 8  ? 4.600   7.716   4.062   1.00 24.71  ? 10  G   A N1    1 
ATOM   169 C C2    . G   A 1 8  ? 5.417   7.547   5.156   1.00 28.35  ? 10  G   A C2    1 
ATOM   170 N N2    . G   A 1 8  ? 5.094   8.230   6.265   1.00 26.68  ? 10  G   A N2    1 
ATOM   171 N N3    . G   A 1 8  ? 6.477   6.761   5.165   1.00 26.86  ? 10  G   A N3    1 
ATOM   172 C C4    . G   A 1 8  ? 6.659   6.144   3.981   1.00 25.34  ? 10  G   A C4    1 
ATOM   173 P P     . C   A 1 9  ? 7.436   0.531   6.186   1.00 32.94  ? 11  C   A P     1 
ATOM   174 O OP1   . C   A 1 9  ? 7.919   -0.603  7.013   1.00 33.15  ? 11  C   A OP1   1 
ATOM   175 O OP2   . C   A 1 9  ? 6.700   0.256   4.925   1.00 31.36  ? 11  C   A OP2   1 
ATOM   176 O "O5'" . C   A 1 9  ? 6.514   1.472   7.080   1.00 28.82  ? 11  C   A "O5'" 1 
ATOM   177 C "C5'" . C   A 1 9  ? 6.961   1.946   8.345   1.00 28.91  ? 11  C   A "C5'" 1 
ATOM   178 C "C4'" . C   A 1 9  ? 5.922   2.851   8.956   1.00 34.35  ? 11  C   A "C4'" 1 
ATOM   179 O "O4'" . C   A 1 9  ? 5.833   4.084   8.191   1.00 35.83  ? 11  C   A "O4'" 1 
ATOM   180 C "C3'" . C   A 1 9  ? 4.501   2.313   8.943   1.00 33.12  ? 11  C   A "C3'" 1 
ATOM   181 O "O3'" . C   A 1 9  ? 4.275   1.408   10.015  1.00 36.70  ? 11  C   A "O3'" 1 
ATOM   182 C "C2'" . C   A 1 9  ? 3.684   3.590   9.070   1.00 33.71  ? 11  C   A "C2'" 1 
ATOM   183 O "O2'" . C   A 1 9  ? 3.653   4.084   10.394  1.00 32.83  ? 11  C   A "O2'" 1 
ATOM   184 C "C1'" . C   A 1 9  ? 4.488   4.541   8.180   1.00 31.18  ? 11  C   A "C1'" 1 
ATOM   185 N N1    . C   A 1 9  ? 4.004   4.563   6.783   1.00 27.86  ? 11  C   A N1    1 
ATOM   186 C C2    . C   A 1 9  ? 2.930   5.403   6.453   1.00 30.49  ? 11  C   A C2    1 
ATOM   187 O O2    . C   A 1 9  ? 2.426   6.112   7.338   1.00 31.85  ? 11  C   A O2    1 
ATOM   188 N N3    . C   A 1 9  ? 2.473   5.422   5.182   1.00 28.22  ? 11  C   A N3    1 
ATOM   189 C C4    . C   A 1 9  ? 3.045   4.653   4.253   1.00 28.01  ? 11  C   A C4    1 
ATOM   190 N N4    . C   A 1 9  ? 2.564   4.709   3.009   1.00 27.57  ? 11  C   A N4    1 
ATOM   191 C C5    . C   A 1 9  ? 4.139   3.793   4.558   1.00 29.99  ? 11  C   A C5    1 
ATOM   192 C C6    . C   A 1 9  ? 4.583   3.777   5.822   1.00 29.92  ? 11  C   A C6    1 
ATOM   193 P P     . C   A 1 10 ? 3.125   0.290   9.882   1.00 39.96  ? 12  C   A P     1 
ATOM   194 O OP1   . C   A 1 10 ? 3.228   -0.578  11.081  1.00 36.73  ? 12  C   A OP1   1 
ATOM   195 O OP2   . C   A 1 10 ? 3.197   -0.318  8.529   1.00 37.38  ? 12  C   A OP2   1 
ATOM   196 O "O5'" . C   A 1 10 ? 1.775   1.127   9.980   1.00 39.38  ? 12  C   A "O5'" 1 
ATOM   197 C "C5'" . C   A 1 10 ? 1.443   1.828   11.174  1.00 36.29  ? 12  C   A "C5'" 1 
ATOM   198 C "C4'" . C   A 1 10 ? 0.233   2.698   10.951  1.00 38.71  ? 12  C   A "C4'" 1 
ATOM   199 O "O4'" . C   A 1 10 ? 0.549   3.723   9.973   1.00 40.41  ? 12  C   A "O4'" 1 
ATOM   200 C "C3'" . C   A 1 10 ? -0.981  1.999   10.366  1.00 41.37  ? 12  C   A "C3'" 1 
ATOM   201 O "O3'" . C   A 1 10 ? -1.733  1.318   11.362  1.00 44.12  ? 12  C   A "O3'" 1 
ATOM   202 C "C2'" . C   A 1 10 ? -1.744  3.165   9.754   1.00 39.97  ? 12  C   A "C2'" 1 
ATOM   203 O "O2'" . C   A 1 10 ? -2.452  3.922   10.718  1.00 40.09  ? 12  C   A "O2'" 1 
ATOM   204 C "C1'" . C   A 1 10 ? -0.596  3.992   9.174   1.00 37.26  ? 12  C   A "C1'" 1 
ATOM   205 N N1    . C   A 1 10 ? -0.290  3.629   7.774   1.00 34.40  ? 12  C   A N1    1 
ATOM   206 C C2    . C   A 1 10 ? -1.024  4.237   6.741   1.00 32.84  ? 12  C   A C2    1 
ATOM   207 O O2    . C   A 1 10 ? -1.898  5.072   7.027   1.00 33.18  ? 12  C   A O2    1 
ATOM   208 N N3    . C   A 1 10 ? -0.763  3.897   5.459   1.00 31.59  ? 12  C   A N3    1 
ATOM   209 C C4    . C   A 1 10 ? 0.185   2.998   5.185   1.00 29.68  ? 12  C   A C4    1 
ATOM   210 N N4    . C   A 1 10 ? 0.401   2.692   3.903   1.00 26.79  ? 12  C   A N4    1 
ATOM   211 C C5    . C   A 1 10 ? 0.951   2.372   6.212   1.00 33.25  ? 12  C   A C5    1 
ATOM   212 C C6    . C   A 1 10 ? 0.683   2.713   7.478   1.00 34.85  ? 12  C   A C6    1 
ATOM   213 P P     . G   A 1 11 ? -2.645  0.059   10.944  1.00 50.91  ? 13  G   A P     1 
ATOM   214 O OP1   . G   A 1 11 ? -3.180  -0.543  12.193  1.00 48.28  ? 13  G   A OP1   1 
ATOM   215 O OP2   . G   A 1 11 ? -1.885  -0.790  9.990   1.00 46.16  ? 13  G   A OP2   1 
ATOM   216 O "O5'" . G   A 1 11 ? -3.856  0.728   10.158  1.00 35.62  ? 13  G   A "O5'" 1 
ATOM   217 C "C5'" . G   A 1 11 ? -4.725  1.640   10.816  1.00 38.21  ? 13  G   A "C5'" 1 
ATOM   218 C "C4'" . G   A 1 11 ? -5.648  2.293   9.822   1.00 42.10  ? 13  G   A "C4'" 1 
ATOM   219 O "O4'" . G   A 1 11 ? -4.864  3.076   8.886   1.00 41.95  ? 13  G   A "O4'" 1 
ATOM   220 C "C3'" . G   A 1 11 ? -6.444  1.347   8.938   1.00 42.21  ? 13  G   A "C3'" 1 
ATOM   221 O "O3'" . G   A 1 11 ? -7.607  0.856   9.604   1.00 40.69  ? 13  G   A "O3'" 1 
ATOM   222 C "C2'" . G   A 1 11 ? -6.773  2.240   7.746   1.00 40.84  ? 13  G   A "C2'" 1 
ATOM   223 O "O2'" . G   A 1 11 ? -7.851  3.125   7.983   1.00 42.16  ? 13  G   A "O2'" 1 
ATOM   224 C "C1'" . G   A 1 11 ? -5.475  3.037   7.607   1.00 42.10  ? 13  G   A "C1'" 1 
ATOM   225 N N9    . G   A 1 11 ? -4.539  2.434   6.660   1.00 34.89  ? 13  G   A N9    1 
ATOM   226 C C8    . G   A 1 11 ? -3.466  1.619   6.942   1.00 35.96  ? 13  G   A C8    1 
ATOM   227 N N7    . G   A 1 11 ? -2.817  1.241   5.874   1.00 35.75  ? 13  G   A N7    1 
ATOM   228 C C5    . G   A 1 11 ? -3.501  1.840   4.825   1.00 30.81  ? 13  G   A C5    1 
ATOM   229 C C6    . G   A 1 11 ? -3.264  1.797   3.426   1.00 30.26  ? 13  G   A C6    1 
ATOM   230 O O6    . G   A 1 11 ? -2.365  1.205   2.811   1.00 33.14  ? 13  G   A O6    1 
ATOM   231 N N1    . G   A 1 11 ? -4.207  2.544   2.724   1.00 31.26  ? 13  G   A N1    1 
ATOM   232 C C2    . G   A 1 11 ? -5.245  3.242   3.294   1.00 33.17  ? 13  G   A C2    1 
ATOM   233 N N2    . G   A 1 11 ? -6.057  3.897   2.451   1.00 31.57  ? 13  G   A N2    1 
ATOM   234 N N3    . G   A 1 11 ? -5.472  3.294   4.596   1.00 33.08  ? 13  G   A N3    1 
ATOM   235 C C4    . G   A 1 11 ? -4.569  2.577   5.295   1.00 31.54  ? 13  G   A C4    1 
ATOM   236 P P     . G   A 1 12 ? -8.307  -0.504  9.094   1.00 50.96  ? 14  G   A P     1 
ATOM   237 O OP1   . G   A 1 12 ? -9.360  -0.865  10.081  1.00 52.97  ? 14  G   A OP1   1 
ATOM   238 O OP2   . G   A 1 12 ? -7.257  -1.499  8.751   1.00 49.64  ? 14  G   A OP2   1 
ATOM   239 O "O5'" . G   A 1 12 ? -9.027  -0.067  7.744   1.00 40.04  ? 14  G   A "O5'" 1 
ATOM   240 C "C5'" . G   A 1 12 ? -10.124 0.839   7.764   1.00 40.01  ? 14  G   A "C5'" 1 
ATOM   241 C "C4'" . G   A 1 12 ? -10.549 1.171   6.358   1.00 34.68  ? 14  G   A "C4'" 1 
ATOM   242 O "O4'" . G   A 1 12 ? -9.477  1.884   5.690   1.00 40.97  ? 14  G   A "O4'" 1 
ATOM   243 C "C3'" . G   A 1 12 ? -10.817 -0.022  5.454   1.00 38.65  ? 14  G   A "C3'" 1 
ATOM   244 O "O3'" . G   A 1 12 ? -12.136 -0.517  5.633   1.00 40.18  ? 14  G   A "O3'" 1 
ATOM   245 C "C2'" . G   A 1 12 ? -10.622 0.582   4.071   1.00 35.19  ? 14  G   A "C2'" 1 
ATOM   246 O "O2'" . G   A 1 12 ? -11.738 1.328   3.630   1.00 36.94  ? 14  G   A "O2'" 1 
ATOM   247 C "C1'" . G   A 1 12 ? -9.434  1.512   4.320   1.00 37.90  ? 14  G   A "C1'" 1 
ATOM   248 N N9    . G   A 1 12 ? -8.155  0.853   4.067   1.00 33.75  ? 14  G   A N9    1 
ATOM   249 C C8    . G   A 1 12 ? -7.306  0.311   5.002   1.00 33.31  ? 14  G   A C8    1 
ATOM   250 N N7    . G   A 1 12 ? -6.240  -0.221  4.476   1.00 32.53  ? 14  G   A N7    1 
ATOM   251 C C5    . G   A 1 12 ? -6.389  -0.016  3.112   1.00 29.15  ? 14  G   A C5    1 
ATOM   252 C C6    . G   A 1 12 ? -5.546  -0.381  2.037   1.00 27.52  ? 14  G   A C6    1 
ATOM   253 O O6    . G   A 1 12 ? -4.462  -0.972  2.081   1.00 25.84  ? 14  G   A O6    1 
ATOM   254 N N1    . G   A 1 12 ? -6.081  0.009   0.814   1.00 28.69  ? 14  G   A N1    1 
ATOM   255 C C2    . G   A 1 12 ? -7.279  0.666   0.649   1.00 31.38  ? 14  G   A C2    1 
ATOM   256 N N2    . G   A 1 12 ? -7.642  0.939   -0.613  1.00 24.44  ? 14  G   A N2    1 
ATOM   257 N N3    . G   A 1 12 ? -8.066  1.021   1.648   1.00 28.28  ? 14  G   A N3    1 
ATOM   258 C C4    . G   A 1 12 ? -7.565  0.648   2.843   1.00 30.20  ? 14  G   A C4    1 
ATOM   259 P P     . C   A 1 13 ? -12.441 -2.072  5.380   1.00 41.79  ? 15  C   A P     1 
ATOM   260 O OP1   . C   A 1 13 ? -13.864 -2.287  5.744   1.00 47.49  ? 15  C   A OP1   1 
ATOM   261 O OP2   . C   A 1 13 ? -11.388 -2.882  6.040   1.00 38.00  ? 15  C   A OP2   1 
ATOM   262 O "O5'" . C   A 1 13 ? -12.297 -2.242  3.801   1.00 35.12  ? 15  C   A "O5'" 1 
ATOM   263 C "C5'" . C   A 1 13 ? -13.183 -1.566  2.911   1.00 38.70  ? 15  C   A "C5'" 1 
ATOM   264 C "C4'" . C   A 1 13 ? -12.692 -1.684  1.487   1.00 40.06  ? 15  C   A "C4'" 1 
ATOM   265 O "O4'" . C   A 1 13 ? -11.380 -1.074  1.389   1.00 39.82  ? 15  C   A "O4'" 1 
ATOM   266 C "C3'" . C   A 1 13 ? -12.495 -3.097  0.956   1.00 39.58  ? 15  C   A "C3'" 1 
ATOM   267 O "O3'" . C   A 1 13 ? -13.707 -3.613  0.420   1.00 36.94  ? 15  C   A "O3'" 1 
ATOM   268 C "C2'" . C   A 1 13 ? -11.477 -2.881  -0.152  1.00 33.70  ? 15  C   A "C2'" 1 
ATOM   269 O "O2'" . C   A 1 13 ? -12.072 -2.408  -1.345  1.00 31.98  ? 15  C   A "O2'" 1 
ATOM   270 C "C1'" . C   A 1 13 ? -10.590 -1.793  0.457   1.00 32.39  ? 15  C   A "C1'" 1 
ATOM   271 N N1    . C   A 1 13 ? -9.400  -2.324  1.152   1.00 29.89  ? 15  C   A N1    1 
ATOM   272 C C2    . C   A 1 13 ? -8.275  -2.655  0.392   1.00 29.96  ? 15  C   A C2    1 
ATOM   273 O O2    . C   A 1 13 ? -8.316  -2.504  -0.841  1.00 29.85  ? 15  C   A O2    1 
ATOM   274 N N3    . C   A 1 13 ? -7.173  -3.133  1.016   1.00 27.33  ? 15  C   A N3    1 
ATOM   275 C C4    . C   A 1 13 ? -7.172  -3.291  2.341   1.00 28.71  ? 15  C   A C4    1 
ATOM   276 N N4    . C   A 1 13 ? -6.062  -3.765  2.914   1.00 27.42  ? 15  C   A N4    1 
ATOM   277 C C5    . C   A 1 13 ? -8.306  -2.969  3.139   1.00 31.32  ? 15  C   A C5    1 
ATOM   278 C C6    . C   A 1 13 ? -9.389  -2.494  2.510   1.00 30.52  ? 15  C   A C6    1 
ATOM   279 P P     . G   A 1 14 ? -14.079 -5.163  0.627   1.00 41.92  ? 16  G   A P     1 
ATOM   280 O OP1   . G   A 1 14 ? -15.487 -5.317  0.170   1.00 47.34  ? 16  G   A OP1   1 
ATOM   281 O OP2   . G   A 1 14 ? -13.711 -5.546  2.014   1.00 34.19  ? 16  G   A OP2   1 
ATOM   282 O "O5'" . G   A 1 14 ? -13.118 -5.961  -0.375  1.00 30.54  ? 16  G   A "O5'" 1 
ATOM   283 C "C5'" . G   A 1 14 ? -13.307 -5.933  -1.800  1.00 33.29  ? 16  G   A "C5'" 1 
ATOM   284 C "C4'" . G   A 1 14 ? -12.092 -6.525  -2.488  1.00 31.53  ? 16  G   A "C4'" 1 
ATOM   285 O "O4'" . G   A 1 14 ? -10.942 -5.898  -1.891  1.00 30.70  ? 16  G   A "O4'" 1 
ATOM   286 C "C3'" . G   A 1 14 ? -11.885 -8.038  -2.318  1.00 30.62  ? 16  G   A "C3'" 1 
ATOM   287 O "O3'" . G   A 1 14 ? -12.088 -8.719  -3.560  1.00 30.22  ? 16  G   A "O3'" 1 
ATOM   288 C "C2'" . G   A 1 14 ? -10.366 -8.210  -2.151  1.00 36.40  ? 16  G   A "C2'" 1 
ATOM   289 O "O2'" . G   A 1 14 ? -9.712  -8.755  -3.282  1.00 46.70  ? 16  G   A "O2'" 1 
ATOM   290 C "C1'" . G   A 1 14 ? -9.862  -6.781  -1.964  1.00 30.57  ? 16  G   A "C1'" 1 
ATOM   291 N N9    . G   A 1 14 ? -8.949  -6.579  -0.848  1.00 28.67  ? 16  G   A N9    1 
ATOM   292 C C8    . G   A 1 14 ? -9.210  -6.101  0.412   1.00 28.29  ? 16  G   A C8    1 
ATOM   293 N N7    . G   A 1 14 ? -8.151  -6.084  1.177   1.00 27.72  ? 16  G   A N7    1 
ATOM   294 C C5    . G   A 1 14 ? -7.136  -6.577  0.368   1.00 25.67  ? 16  G   A C5    1 
ATOM   295 C C6    . G   A 1 14 ? -5.772  -6.825  0.649   1.00 24.12  ? 16  G   A C6    1 
ATOM   296 O O6    . G   A 1 14 ? -5.169  -6.658  1.709   1.00 19.27  ? 16  G   A O6    1 
ATOM   297 N N1    . G   A 1 14 ? -5.101  -7.326  -0.464  1.00 23.67  ? 16  G   A N1    1 
ATOM   298 C C2    . G   A 1 14 ? -5.673  -7.567  -1.689  1.00 27.38  ? 16  G   A C2    1 
ATOM   299 N N2    . G   A 1 14 ? -4.867  -8.038  -2.650  1.00 23.21  ? 16  G   A N2    1 
ATOM   300 N N3    . G   A 1 14 ? -6.945  -7.359  -1.954  1.00 23.26  ? 16  G   A N3    1 
ATOM   301 C C4    . G   A 1 14 ? -7.612  -6.869  -0.888  1.00 29.55  ? 16  G   A C4    1 
ATOM   302 P P     . A   A 1 15 ? -13.527 -9.248  -4.024  1.00 24.02  ? 17  A   A P     1 
ATOM   303 O OP1   . A   A 1 15 ? -13.247 -9.757  -5.388  1.00 22.73  ? 17  A   A OP1   1 
ATOM   304 O OP2   . A   A 1 15 ? -14.545 -8.180  -3.835  1.00 27.06  ? 17  A   A OP2   1 
ATOM   305 O "O5'" . A   A 1 15 ? -13.873 -10.483 -3.070  1.00 24.99  ? 17  A   A "O5'" 1 
ATOM   306 C "C5'" . A   A 1 15 ? -13.082 -11.674 -3.067  1.00 27.86  ? 17  A   A "C5'" 1 
ATOM   307 C "C4'" . A   A 1 15 ? -13.971 -12.900 -2.934  1.00 24.97  ? 17  A   A "C4'" 1 
ATOM   308 O "O4'" . A   A 1 15 ? -14.843 -13.000 -4.074  1.00 21.66  ? 17  A   A "O4'" 1 
ATOM   309 C "C3'" . A   A 1 15 ? -13.242 -14.240 -2.868  1.00 19.19  ? 17  A   A "C3'" 1 
ATOM   310 O "O3'" . A   A 1 15 ? -13.183 -14.619 -1.494  1.00 20.46  ? 17  A   A "O3'" 1 
ATOM   311 C "C2'" . A   A 1 15 ? -14.193 -15.241 -3.545  1.00 26.10  ? 17  A   A "C2'" 1 
ATOM   312 O "O2'" . A   A 1 15 ? -14.823 -16.110 -2.625  1.00 40.07  ? 17  A   A "O2'" 1 
ATOM   313 C "C1'" . A   A 1 15 ? -15.244 -14.338 -4.206  1.00 19.52  ? 17  A   A "C1'" 1 
ATOM   314 N N9    . A   A 1 15 ? -15.631 -14.604 -5.592  1.00 18.89  ? 17  A   A N9    1 
ATOM   315 C C8    . A   A 1 15 ? -14.957 -14.333 -6.757  1.00 19.15  ? 17  A   A C8    1 
ATOM   316 N N7    . A   A 1 15 ? -15.607 -14.696 -7.839  1.00 17.85  ? 17  A   A N7    1 
ATOM   317 C C5    . A   A 1 15 ? -16.787 -15.245 -7.352  1.00 17.16  ? 17  A   A C5    1 
ATOM   318 C C6    . A   A 1 15 ? -17.907 -15.816 -7.992  1.00 20.35  ? 17  A   A C6    1 
ATOM   319 N N6    . A   A 1 15 ? -18.024 -15.930 -9.316  1.00 17.60  ? 17  A   A N6    1 
ATOM   320 N N1    . A   A 1 15 ? -18.913 -16.270 -7.213  1.00 20.22  ? 17  A   A N1    1 
ATOM   321 C C2    . A   A 1 15 ? -18.798 -16.150 -5.885  1.00 18.33  ? 17  A   A C2    1 
ATOM   322 N N3    . A   A 1 15 ? -17.805 -15.634 -5.170  1.00 19.71  ? 17  A   A N3    1 
ATOM   323 C C4    . A   A 1 15 ? -16.815 -15.194 -5.971  1.00 19.14  ? 17  A   A C4    1 
ATOM   324 P P     . A   A 1 16 ? -11.792 -14.612 -0.696  1.00 22.99  ? 18  A   A P     1 
ATOM   325 O OP1   . A   A 1 16 ? -12.061 -15.246 0.611   1.00 24.14  ? 18  A   A OP1   1 
ATOM   326 O OP2   . A   A 1 16 ? -11.212 -13.247 -0.752  1.00 21.50  ? 18  A   A OP2   1 
ATOM   327 O "O5'" . A   A 1 16 ? -10.861 -15.587 -1.538  1.00 21.26  ? 18  A   A "O5'" 1 
ATOM   328 C "C5'" . A   A 1 16 ? -10.994 -16.998 -1.438  1.00 19.98  ? 18  A   A "C5'" 1 
ATOM   329 C "C4'" . A   A 1 16 ? -10.230 -17.659 -2.554  1.00 19.75  ? 18  A   A "C4'" 1 
ATOM   330 O "O4'" . A   A 1 16 ? -10.938 -17.463 -3.805  1.00 19.51  ? 18  A   A "O4'" 1 
ATOM   331 C "C3'" . A   A 1 16 ? -8.855  -17.056 -2.786  1.00 17.13  ? 18  A   A "C3'" 1 
ATOM   332 O "O3'" . A   A 1 16 ? -7.913  -17.695 -1.934  1.00 16.24  ? 18  A   A "O3'" 1 
ATOM   333 C "C2'" . A   A 1 16 ? -8.594  -17.363 -4.257  1.00 16.12  ? 18  A   A "C2'" 1 
ATOM   334 O "O2'" . A   A 1 16 ? -8.102  -18.668 -4.439  1.00 14.84  ? 18  A   A "O2'" 1 
ATOM   335 C "C1'" . A   A 1 16 ? -10.004 -17.290 -4.855  1.00 16.27  ? 18  A   A "C1'" 1 
ATOM   336 N N9    . A   A 1 16 ? -10.344 -16.054 -5.559  1.00 17.12  ? 18  A   A N9    1 
ATOM   337 C C8    . A   A 1 16 ? -10.168 -14.753 -5.158  1.00 16.37  ? 18  A   A C8    1 
ATOM   338 N N7    . A   A 1 16 ? -10.632 -13.871 -6.013  1.00 20.11  ? 18  A   A N7    1 
ATOM   339 C C5    . A   A 1 16 ? -11.130 -14.641 -7.053  1.00 15.77  ? 18  A   A C5    1 
ATOM   340 C C6    . A   A 1 16 ? -11.758 -14.306 -8.269  1.00 16.21  ? 18  A   A C6    1 
ATOM   341 N N6    . A   A 1 16 ? -11.997 -13.045 -8.664  1.00 15.44  ? 18  A   A N6    1 
ATOM   342 N N1    . A   A 1 16 ? -12.139 -15.321 -9.079  1.00 15.90  ? 18  A   A N1    1 
ATOM   343 C C2    . A   A 1 16 ? -11.899 -16.579 -8.688  1.00 15.42  ? 18  A   A C2    1 
ATOM   344 N N3    . A   A 1 16 ? -11.318 -17.020 -7.575  1.00 14.67  ? 18  A   A N3    1 
ATOM   345 C C4    . A   A 1 16 ? -10.952 -15.988 -6.791  1.00 15.84  ? 18  A   A C4    1 
ATOM   346 P P     . G   A 1 17 ? -7.002  -16.817 -0.948  1.00 15.21  ? 19  G   A P     1 
ATOM   347 O OP1   . G   A 1 17 ? -7.628  -16.900 0.398   1.00 16.98  ? 19  G   A OP1   1 
ATOM   348 O OP2   . G   A 1 17 ? -6.723  -15.491 -1.539  1.00 14.61  ? 19  G   A OP2   1 
ATOM   349 O "O5'" . G   A 1 17 ? -5.639  -17.640 -0.888  1.00 16.04  ? 19  G   A "O5'" 1 
ATOM   350 C "C5'" . G   A 1 17 ? -5.009  -18.111 -2.082  1.00 15.91  ? 19  G   A "C5'" 1 
ATOM   351 C "C4'" . G   A 1 17 ? -3.514  -17.916 -1.992  1.00 18.10  ? 19  G   A "C4'" 1 
ATOM   352 O "O4'" . G   A 1 17 ? -3.198  -16.494 -2.020  1.00 17.32  ? 19  G   A "O4'" 1 
ATOM   353 C "C3'" . G   A 1 17 ? -2.888  -18.409 -0.697  1.00 16.13  ? 19  G   A "C3'" 1 
ATOM   354 O "O3'" . G   A 1 17 ? -2.645  -19.808 -0.712  1.00 17.88  ? 19  G   A "O3'" 1 
ATOM   355 C "C2'" . G   A 1 17 ? -1.627  -17.569 -0.634  1.00 17.89  ? 19  G   A "C2'" 1 
ATOM   356 O "O2'" . G   A 1 17 ? -0.640  -18.015 -1.542  1.00 16.38  ? 19  G   A "O2'" 1 
ATOM   357 C "C1'" . G   A 1 17 ? -2.180  -16.207 -1.066  1.00 14.99  ? 19  G   A "C1'" 1 
ATOM   358 N N9    . G   A 1 17 ? -2.801  -15.517 0.066   1.00 17.33  ? 19  G   A N9    1 
ATOM   359 C C8    . G   A 1 17 ? -4.100  -15.078 0.166   1.00 16.45  ? 19  G   A C8    1 
ATOM   360 N N7    . G   A 1 17 ? -4.378  -14.555 1.330   1.00 20.11  ? 19  G   A N7    1 
ATOM   361 C C5    . G   A 1 17 ? -3.191  -14.648 2.041   1.00 18.21  ? 19  G   A C5    1 
ATOM   362 C C6    . G   A 1 17 ? -2.885  -14.263 3.368   1.00 17.81  ? 19  G   A C6    1 
ATOM   363 O O6    . G   A 1 17 ? -3.638  -13.771 4.221   1.00 17.93  ? 19  G   A O6    1 
ATOM   364 N N1    . G   A 1 17 ? -1.553  -14.517 3.679   1.00 17.28  ? 19  G   A N1    1 
ATOM   365 C C2    . G   A 1 17 ? -0.639  -15.085 2.830   1.00 18.66  ? 19  G   A C2    1 
ATOM   366 N N2    . G   A 1 17 ? 0.602   -15.243 3.308   1.00 18.26  ? 19  G   A N2    1 
ATOM   367 N N3    . G   A 1 17 ? -0.918  -15.469 1.599   1.00 15.82  ? 19  G   A N3    1 
ATOM   368 C C4    . G   A 1 17 ? -2.202  -15.219 1.271   1.00 18.52  ? 19  G   A C4    1 
ATOM   369 P P     . U   A 1 18 ? -2.885  -20.658 0.627   1.00 17.99  ? 20  U   A P     1 
ATOM   370 O OP1   . U   A 1 18 ? -2.534  -22.071 0.357   1.00 15.10  ? 20  U   A OP1   1 
ATOM   371 O OP2   . U   A 1 18 ? -4.238  -20.327 1.149   1.00 19.61  ? 20  U   A OP2   1 
ATOM   372 O "O5'" . U   A 1 18 ? -1.830  -20.034 1.639   1.00 16.07  ? 20  U   A "O5'" 1 
ATOM   373 C "C5'" . U   A 1 18 ? -0.431  -20.142 1.412   1.00 15.41  ? 20  U   A "C5'" 1 
ATOM   374 C "C4'" . U   A 1 18 ? 0.320   -19.835 2.685   1.00 17.14  ? 20  U   A "C4'" 1 
ATOM   375 O "O4'" . U   A 1 18 ? 0.109   -18.448 3.059   1.00 16.30  ? 20  U   A "O4'" 1 
ATOM   376 C "C3'" . U   A 1 18 ? -0.123  -20.613 3.914   1.00 15.88  ? 20  U   A "C3'" 1 
ATOM   377 O "O3'" . U   A 1 18 ? 0.490   -21.895 3.944   1.00 17.79  ? 20  U   A "O3'" 1 
ATOM   378 C "C2'" . U   A 1 18 ? 0.391   -19.724 5.038   1.00 15.35  ? 20  U   A "C2'" 1 
ATOM   379 O "O2'" . U   A 1 18 ? 1.783   -19.834 5.220   1.00 16.43  ? 20  U   A "O2'" 1 
ATOM   380 C "C1'" . U   A 1 18 ? 0.080   -18.336 4.477   1.00 17.79  ? 20  U   A "C1'" 1 
ATOM   381 N N1    . U   A 1 18 ? -1.249  -17.863 4.896   1.00 16.23  ? 20  U   A N1    1 
ATOM   382 C C2    . U   A 1 18 ? -1.389  -17.433 6.214   1.00 17.91  ? 20  U   A C2    1 
ATOM   383 O O2    . U   A 1 18 ? -0.464  -17.446 7.026   1.00 17.35  ? 20  U   A O2    1 
ATOM   384 N N3    . U   A 1 18 ? -2.647  -17.001 6.549   1.00 14.16  ? 20  U   A N3    1 
ATOM   385 C C4    . U   A 1 18 ? -3.757  -16.959 5.735   1.00 15.02  ? 20  U   A C4    1 
ATOM   386 O O4    . U   A 1 18 ? -4.826  -16.567 6.196   1.00 17.34  ? 20  U   A O4    1 
ATOM   387 C C5    . U   A 1 18 ? -3.538  -17.421 4.395   1.00 17.05  ? 20  U   A C5    1 
ATOM   388 C C6    . U   A 1 18 ? -2.324  -17.845 4.030   1.00 15.69  ? 20  U   A C6    1 
ATOM   389 P P     . C   A 1 19 ? -0.340  -23.172 4.457   1.00 17.67  ? 21  C   A P     1 
ATOM   390 O OP1   . C   A 1 19 ? 0.282   -24.337 3.779   1.00 16.51  ? 21  C   A OP1   1 
ATOM   391 O OP2   . C   A 1 19 ? -1.798  -22.930 4.311   1.00 17.37  ? 21  C   A OP2   1 
ATOM   392 O "O5'" . C   A 1 19 ? -0.021  -23.247 6.016   1.00 16.84  ? 21  C   A "O5'" 1 
ATOM   393 C "C5'" . C   A 1 19 ? 1.313   -23.419 6.484   1.00 17.45  ? 21  C   A "C5'" 1 
ATOM   394 C "C4'" . C   A 1 19 ? 1.452   -22.857 7.882   1.00 15.22  ? 21  C   A "C4'" 1 
ATOM   395 O "O4'" . C   A 1 19 ? 1.169   -21.428 7.867   1.00 15.18  ? 21  C   A "O4'" 1 
ATOM   396 C "C3'" . C   A 1 19 ? 0.476   -23.387 8.918   1.00 17.05  ? 21  C   A "C3'" 1 
ATOM   397 O "O3'" . C   A 1 19 ? 0.872   -24.652 9.427   1.00 19.07  ? 21  C   A "O3'" 1 
ATOM   398 C "C2'" . C   A 1 19 ? 0.553   -22.298 9.977   1.00 15.03  ? 21  C   A "C2'" 1 
ATOM   399 O "O2'" . C   A 1 19 ? 1.766   -22.358 10.704  1.00 15.72  ? 21  C   A "O2'" 1 
ATOM   400 C "C1'" . C   A 1 19 ? 0.556   -21.050 9.096   1.00 16.19  ? 21  C   A "C1'" 1 
ATOM   401 N N1    . C   A 1 19 ? -0.819  -20.562 8.828   1.00 15.42  ? 21  C   A N1    1 
ATOM   402 C C2    . C   A 1 19 ? -1.399  -19.672 9.742   1.00 15.24  ? 21  C   A C2    1 
ATOM   403 O O2    . C   A 1 19 ? -0.754  -19.337 10.743  1.00 15.56  ? 21  C   A O2    1 
ATOM   404 N N3    . C   A 1 19 ? -2.654  -19.206 9.516   1.00 14.22  ? 21  C   A N3    1 
ATOM   405 C C4    . C   A 1 19 ? -3.330  -19.604 8.440   1.00 18.79  ? 21  C   A C4    1 
ATOM   406 N N4    . C   A 1 19 ? -4.567  -19.110 8.258   1.00 13.21  ? 21  C   A N4    1 
ATOM   407 C C5    . C   A 1 19 ? -2.772  -20.522 7.496   1.00 16.73  ? 21  C   A C5    1 
ATOM   408 C C6    . C   A 1 19 ? -1.523  -20.969 7.727   1.00 16.65  ? 21  C   A C6    1 
ATOM   409 P P     . G   A 1 20 ? -0.223  -25.606 10.115  1.00 22.79  ? 22  G   A P     1 
ATOM   410 O OP1   . G   A 1 20 ? 0.418   -26.928 10.317  1.00 24.27  ? 22  G   A OP1   1 
ATOM   411 O OP2   . G   A 1 20 ? -1.495  -25.514 9.352   1.00 20.82  ? 22  G   A OP2   1 
ATOM   412 O "O5'" . G   A 1 20 ? -0.485  -24.941 11.538  1.00 21.35  ? 22  G   A "O5'" 1 
ATOM   413 C "C5'" . G   A 1 20 ? 0.574   -24.767 12.472  1.00 18.67  ? 22  G   A "C5'" 1 
ATOM   414 C "C4'" . G   A 1 20 ? 0.103   -23.953 13.655  1.00 18.42  ? 22  G   A "C4'" 1 
ATOM   415 O "O4'" . G   A 1 20 ? -0.279  -22.626 13.214  1.00 20.75  ? 22  G   A "O4'" 1 
ATOM   416 C "C3'" . G   A 1 20 ? -1.133  -24.473 14.369  1.00 22.91  ? 22  G   A "C3'" 1 
ATOM   417 O "O3'" . G   A 1 20 ? -0.785  -25.484 15.307  1.00 26.18  ? 22  G   A "O3'" 1 
ATOM   418 C "C2'" . G   A 1 20 ? -1.650  -23.219 15.059  1.00 23.54  ? 22  G   A "C2'" 1 
ATOM   419 O "O2'" . G   A 1 20 ? -0.924  -22.910 16.228  1.00 20.16  ? 22  G   A "O2'" 1 
ATOM   420 C "C1'" . G   A 1 20 ? -1.372  -22.160 13.992  1.00 20.79  ? 22  G   A "C1'" 1 
ATOM   421 N N9    . G   A 1 20 ? -2.509  -21.942 13.103  1.00 20.42  ? 22  G   A N9    1 
ATOM   422 C C8    . G   A 1 20 ? -2.672  -22.422 11.824  1.00 19.50  ? 22  G   A C8    1 
ATOM   423 N N7    . G   A 1 20 ? -3.800  -22.056 11.277  1.00 20.83  ? 22  G   A N7    1 
ATOM   424 C C5    . G   A 1 20 ? -4.423  -21.292 12.255  1.00 19.15  ? 22  G   A C5    1 
ATOM   425 C C6    . G   A 1 20 ? -5.674  -20.632 12.238  1.00 19.74  ? 22  G   A C6    1 
ATOM   426 O O6    . G   A 1 20 ? -6.504  -20.586 11.328  1.00 21.06  ? 22  G   A O6    1 
ATOM   427 N N1    . G   A 1 20 ? -5.922  -19.975 13.441  1.00 19.70  ? 22  G   A N1    1 
ATOM   428 C C2    . G   A 1 20 ? -5.074  -19.958 14.524  1.00 20.32  ? 22  G   A C2    1 
ATOM   429 N N2    . G   A 1 20 ? -5.497  -19.274 15.605  1.00 19.72  ? 22  G   A N2    1 
ATOM   430 N N3    . G   A 1 20 ? -3.899  -20.567 14.549  1.00 20.86  ? 22  G   A N3    1 
ATOM   431 C C4    . G   A 1 20 ? -3.640  -21.212 13.390  1.00 21.61  ? 22  G   A C4    1 
ATOM   432 P P     . C   A 1 21 ? -1.836  -26.652 15.650  1.00 30.87  ? 23  C   A P     1 
ATOM   433 O OP1   . C   A 1 21 ? -1.121  -27.614 16.533  1.00 39.17  ? 23  C   A OP1   1 
ATOM   434 O OP2   . C   A 1 21 ? -2.466  -27.141 14.395  1.00 27.74  ? 23  C   A OP2   1 
ATOM   435 O "O5'" . C   A 1 21 ? -2.959  -25.924 16.513  1.00 26.76  ? 23  C   A "O5'" 1 
ATOM   436 C "C5'" . C   A 1 21 ? -2.638  -25.297 17.750  1.00 27.72  ? 23  C   A "C5'" 1 
ATOM   437 C "C4'" . C   A 1 21 ? -3.807  -24.474 18.235  1.00 27.76  ? 23  C   A "C4'" 1 
ATOM   438 O "O4'" . C   A 1 21 ? -4.066  -23.396 17.298  1.00 31.09  ? 23  C   A "O4'" 1 
ATOM   439 C "C3'" . C   A 1 21 ? -5.138  -25.205 18.312  1.00 32.63  ? 23  C   A "C3'" 1 
ATOM   440 O "O3'" . C   A 1 21 ? -5.239  -26.084 19.434  1.00 37.30  ? 23  C   A "O3'" 1 
ATOM   441 C "C2'" . C   A 1 21 ? -6.130  -24.050 18.283  1.00 32.84  ? 23  C   A "C2'" 1 
ATOM   442 O "O2'" . C   A 1 21 ? -6.239  -23.392 19.530  1.00 33.15  ? 23  C   A "O2'" 1 
ATOM   443 C "C1'" . C   A 1 21 ? -5.457  -23.109 17.280  1.00 29.37  ? 23  C   A "C1'" 1 
ATOM   444 N N1    . C   A 1 21 ? -5.966  -23.265 15.902  1.00 27.16  ? 23  C   A N1    1 
ATOM   445 C C2    . C   A 1 21 ? -7.118  -22.559 15.529  1.00 26.17  ? 23  C   A C2    1 
ATOM   446 O O2    . C   A 1 21 ? -7.671  -21.832 16.364  1.00 28.07  ? 23  C   A O2    1 
ATOM   447 N N3    . C   A 1 21 ? -7.596  -22.689 14.272  1.00 25.55  ? 23  C   A N3    1 
ATOM   448 C C4    . C   A 1 21 ? -6.972  -23.482 13.399  1.00 24.56  ? 23  C   A C4    1 
ATOM   449 N N4    . C   A 1 21 ? -7.478  -23.572 12.165  1.00 25.18  ? 23  C   A N4    1 
ATOM   450 C C5    . C   A 1 21 ? -5.801  -24.215 13.749  1.00 24.43  ? 23  C   A C5    1 
ATOM   451 C C6    . C   A 1 21 ? -5.336  -24.079 14.999  1.00 27.77  ? 23  C   A C6    1 
HETATM 452 C C11   . FSJ B 2 .  ? 7.684   13.151  -0.361  1.00 20.21  ? 301 FSJ A C11   1 
HETATM 453 C C12   . FSJ B 2 .  ? 9.335   17.442  -3.323  1.00 18.03  ? 301 FSJ A C12   1 
HETATM 454 C C13   . FSJ B 2 .  ? 7.158   16.587  -6.004  1.00 12.50  ? 301 FSJ A C13   1 
HETATM 455 C C21   . FSJ B 2 .  ? 6.421   13.370  0.564   1.00 24.10  ? 301 FSJ A C21   1 
HETATM 456 C C22   . FSJ B 2 .  ? 10.500  16.823  -2.418  1.00 17.49  ? 301 FSJ A C22   1 
HETATM 457 C C23   . FSJ B 2 .  ? 6.730   17.961  -6.649  1.00 15.23  ? 301 FSJ A C23   1 
HETATM 458 C C31   . FSJ B 2 .  ? 6.934   13.877  2.089   1.00 27.89  ? 301 FSJ A C31   1 
HETATM 459 C C32   . FSJ B 2 .  ? 9.833   16.143  -1.131  1.00 20.31  ? 301 FSJ A C32   1 
HETATM 460 C C33   . FSJ B 2 .  ? 5.306   18.373  -6.021  1.00 16.20  ? 301 FSJ A C33   1 
HETATM 461 C C41   . FSJ B 2 .  ? 8.379   13.307  2.509   1.00 26.34  ? 301 FSJ A C41   1 
HETATM 462 C C42   . FSJ B 2 .  ? 8.828   15.003  -1.611  1.00 17.23  ? 301 FSJ A C42   1 
HETATM 463 C C43   . FSJ B 2 .  ? 4.208   17.222  -6.425  1.00 16.64  ? 301 FSJ A C43   1 
HETATM 464 C C51   . FSJ B 2 .  ? 9.086   12.503  1.635   1.00 24.68  ? 301 FSJ A C51   1 
HETATM 465 C C52   . FSJ B 2 .  ? 7.669   15.656  -2.528  1.00 20.31  ? 301 FSJ A C52   1 
HETATM 466 C C53   . FSJ B 2 .  ? 4.673   15.835  -5.816  1.00 16.67  ? 301 FSJ A C53   1 
HETATM 467 C C61   . FSJ B 2 .  ? 10.486  11.909  1.975   1.00 30.84  ? 301 FSJ A C61   1 
HETATM 468 C C62   . FSJ B 2 .  ? 8.332   16.294  -3.796  1.00 16.99  ? 301 FSJ A C62   1 
HETATM 469 C C83   . FSJ B 2 .  ? 2.764   17.454  -5.889  1.00 22.38  ? 301 FSJ A C83   1 
HETATM 470 C C93   . FSJ B 2 .  ? 5.081   20.865  -5.759  1.00 19.24  ? 301 FSJ A C93   1 
HETATM 471 N N12   . FSJ B 2 .  ? 9.949   18.046  -4.468  1.00 18.76  ? 301 FSJ A N12   1 
HETATM 472 N N21   . FSJ B 2 .  ? 5.557   14.368  -0.099  1.00 24.40  ? 301 FSJ A N21   1 
HETATM 473 N N32   . FSJ B 2 .  ? 10.902  15.560  -0.295  1.00 16.71  ? 301 FSJ A N32   1 
HETATM 474 N N33   . FSJ B 2 .  ? 4.858   19.673  -6.597  1.00 18.55  ? 301 FSJ A N33   1 
HETATM 475 F F61   . FSJ B 2 .  ? 10.621  10.629  1.450   1.00 32.77  ? 301 FSJ A F61   1 
HETATM 476 O O11   . FSJ B 2 .  ? 8.283   14.451  -0.464  1.00 17.89  ? 301 FSJ A O11   1 
HETATM 477 O O23   . FSJ B 2 .  ? 7.742   18.917  -6.342  1.00 15.15  ? 301 FSJ A O23   1 
HETATM 478 O O43   . FSJ B 2 .  ? 4.050   17.081  -7.831  1.00 18.13  ? 301 FSJ A O43   1 
HETATM 479 O O51   . FSJ B 2 .  ? 8.559   12.158  0.315   1.00 24.18  ? 301 FSJ A O51   1 
HETATM 480 O O52   . FSJ B 2 .  ? 6.762   14.634  -2.974  1.00 18.93  ? 301 FSJ A O52   1 
HETATM 481 O O53   . FSJ B 2 .  ? 6.106   15.521  -6.283  1.00 16.68  ? 301 FSJ A O53   1 
HETATM 482 O O62   . FSJ B 2 .  ? 7.315   16.847  -4.579  1.00 17.29  ? 301 FSJ A O62   1 
HETATM 483 O O     . HOH C 3 .  ? -7.359  -9.613  -3.697  1.00 198.25 ? 401 HOH A O     1 
HETATM 484 O O     . HOH C 3 .  ? 6.060   28.419  -0.407  1.00 51.22  ? 402 HOH A O     1 
HETATM 485 O O     . HOH C 3 .  ? 11.220  14.979  2.181   1.00 24.72  ? 403 HOH A O     1 
HETATM 486 O O     . HOH C 3 .  ? -4.867  -5.870  4.141   1.00 29.14  ? 404 HOH A O     1 
HETATM 487 O O     . HOH C 3 .  ? -8.720  -2.171  6.271   1.00 41.38  ? 405 HOH A O     1 
HETATM 488 O O     . HOH C 3 .  ? -1.422  17.859  -7.597  1.00 29.44  ? 406 HOH A O     1 
HETATM 489 O O     . HOH C 3 .  ? 0.940   11.585  -9.800  1.00 29.25  ? 407 HOH A O     1 
HETATM 490 O O     . HOH C 3 .  ? 5.862   16.867  0.713   1.00 21.91  ? 408 HOH A O     1 
HETATM 491 O O     . HOH C 3 .  ? -3.790  -24.165 1.392   1.00 32.71  ? 409 HOH A O     1 
HETATM 492 O O     . HOH C 3 .  ? 5.684   12.533  -4.184  1.00 25.96  ? 410 HOH A O     1 
HETATM 493 O O     . HOH C 3 .  ? 4.323   8.998   -7.962  1.00 27.47  ? 411 HOH A O     1 
HETATM 494 O O     . HOH C 3 .  ? 8.220   10.589  -15.530 1.00 24.45  ? 412 HOH A O     1 
HETATM 495 O O     . HOH C 3 .  ? 10.454  24.290  -5.506  1.00 38.92  ? 413 HOH A O     1 
HETATM 496 O O     . HOH C 3 .  ? -3.070  6.057   9.211   1.00 41.03  ? 414 HOH A O     1 
HETATM 497 O O     . HOH C 3 .  ? -3.294  -23.758 6.360   1.00 28.23  ? 415 HOH A O     1 
HETATM 498 O O     . HOH C 3 .  ? -7.324  -21.537 8.972   1.00 27.93  ? 416 HOH A O     1 
HETATM 499 O O     . HOH C 3 .  ? -10.988 -10.966 -6.150  1.00 29.05  ? 417 HOH A O     1 
HETATM 500 O O     . HOH C 3 .  ? -0.424  -22.829 -1.114  1.00 19.53  ? 418 HOH A O     1 
HETATM 501 O O     . HOH C 3 .  ? -7.408  4.704   5.860   1.00 43.85  ? 419 HOH A O     1 
HETATM 502 O O     . HOH C 3 .  ? 5.905   0.871   2.429   1.00 28.20  ? 420 HOH A O     1 
HETATM 503 O O     . HOH C 3 .  ? 3.918   10.586  -15.536 1.00 24.02  ? 421 HOH A O     1 
HETATM 504 O O     . HOH C 3 .  ? -2.541  21.075  -8.703  1.00 38.22  ? 422 HOH A O     1 
HETATM 505 O O     . HOH C 3 .  ? -14.771 -5.838  -5.179  1.00 27.25  ? 423 HOH A O     1 
HETATM 506 O O     . HOH C 3 .  ? 3.096   6.826   -0.611  1.00 29.69  ? 424 HOH A O     1 
HETATM 507 O O     . HOH C 3 .  ? -8.356  -6.439  3.862   1.00 24.29  ? 425 HOH A O     1 
HETATM 508 O O     . HOH C 3 .  ? -11.624 -10.902 0.559   1.00 26.95  ? 426 HOH A O     1 
HETATM 509 O O     . HOH C 3 .  ? 11.479  12.156  -12.983 1.00 19.15  ? 427 HOH A O     1 
HETATM 510 O O     . HOH C 3 .  ? 3.592   6.558   -10.211 1.00 39.45  ? 428 HOH A O     1 
HETATM 511 O O     . HOH C 3 .  ? 1.716   20.694  -4.446  1.00 23.96  ? 429 HOH A O     1 
HETATM 512 O O     . HOH C 3 .  ? -5.394  -14.893 -3.860  1.00 22.16  ? 430 HOH A O     1 
HETATM 513 O O     . HOH C 3 .  ? 12.692  5.552   3.625   1.00 23.99  ? 431 HOH A O     1 
HETATM 514 O O     . HOH C 3 .  ? -0.200  -0.496  2.855   1.00 37.74  ? 432 HOH A O     1 
HETATM 515 O O     . HOH C 3 .  ? 12.348  8.435   2.372   1.00 25.38  ? 433 HOH A O     1 
HETATM 516 O O     . HOH C 3 .  ? 2.605   -17.703 6.803   1.00 19.59  ? 434 HOH A O     1 
HETATM 517 O O     . HOH C 3 .  ? -4.084  -21.402 3.907   1.00 20.45  ? 435 HOH A O     1 
HETATM 518 O O     . HOH C 3 .  ? -6.874  -20.544 18.700  1.00 37.88  ? 436 HOH A O     1 
HETATM 519 O O     . HOH C 3 .  ? 4.205   15.591  -2.417  1.00 24.88  ? 437 HOH A O     1 
HETATM 520 O O     . HOH C 3 .  ? -5.964  -24.676 10.095  1.00 27.66  ? 438 HOH A O     1 
HETATM 521 O O     . HOH C 3 .  ? 12.627  8.270   -11.501 1.00 26.29  ? 439 HOH A O     1 
HETATM 522 O O     . HOH C 3 .  ? -5.922  -18.323 2.165   1.00 14.91  ? 440 HOH A O     1 
HETATM 523 O O     . HOH C 3 .  ? 6.676   2.975   -2.016  1.00 27.84  ? 441 HOH A O     1 
HETATM 524 O O     . HOH C 3 .  ? 0.495   15.195  -7.187  1.00 28.27  ? 442 HOH A O     1 
HETATM 525 O O     . HOH C 3 .  ? -20.409 -16.956 -10.396 1.00 30.59  ? 443 HOH A O     1 
HETATM 526 O O     . HOH C 3 .  ? 5.169   10.007  -5.553  1.00 24.78  ? 444 HOH A O     1 
HETATM 527 O O     . HOH C 3 .  ? 4.017   13.103  -8.641  1.00 17.91  ? 445 HOH A O     1 
HETATM 528 O O     . HOH C 3 .  ? 5.256   4.653   -0.637  1.00 29.48  ? 446 HOH A O     1 
HETATM 529 O O     . HOH C 3 .  ? -2.811  -1.804  4.241   1.00 36.24  ? 447 HOH A O     1 
HETATM 530 O O     . HOH C 3 .  ? 3.708   -21.339 3.720   1.00 13.79  ? 448 HOH A O     1 
HETATM 531 O O     . HOH C 3 .  ? 6.764   6.112   -5.428  1.00 31.77  ? 449 HOH A O     1 
HETATM 532 O O     . HOH C 3 .  ? -4.619  -22.918 8.667   1.00 27.81  ? 450 HOH A O     1 
HETATM 533 O O     . HOH C 3 .  ? 7.126   23.336  -4.011  1.00 31.01  ? 451 HOH A O     1 
HETATM 534 O O     . HOH C 3 .  ? 4.790   8.178   -3.469  1.00 29.42  ? 452 HOH A O     1 
HETATM 535 O O     . HOH C 3 .  ? -6.839  -20.870 0.052   1.00 20.65  ? 453 HOH A O     1 
HETATM 536 O O     . HOH C 3 .  ? 3.560   2.840   1.045   1.00 34.20  ? 454 HOH A O     1 
HETATM 537 O O     . HOH C 3 .  ? -5.771  -20.413 5.937   1.00 18.81  ? 455 HOH A O     1 
HETATM 538 O O     . HOH C 3 .  ? 1.608   -16.563 0.597   1.00 36.30  ? 456 HOH A O     1 
HETATM 539 O O     . HOH C 3 .  ? -14.562 -13.245 -10.160 0.50 21.17  ? 457 HOH A O     1 
HETATM 540 O O     . HOH C 3 .  ? 10.802  5.069   -12.362 1.00 36.77  ? 458 HOH A O     1 
HETATM 541 O O     . HOH C 3 .  ? 2.574   0.902   2.969   1.00 39.69  ? 459 HOH A O     1 
HETATM 542 O O     . HOH C 3 .  ? 1.265   28.310  -5.829  1.00 31.65  ? 460 HOH A O     1 
HETATM 543 O O     . HOH C 3 .  ? 0.228   16.295  -14.257 1.00 19.22  ? 461 HOH A O     1 
HETATM 544 O O     . HOH C 3 .  ? -4.195  -13.613 -2.301  1.00 91.79  ? 462 HOH A O     1 
HETATM 545 O O     . HOH C 3 .  ? 10.537  20.572  -2.814  1.00 35.01  ? 463 HOH A O     1 
HETATM 546 O O     . HOH C 3 .  ? 4.451   12.107  -1.896  1.00 31.93  ? 464 HOH A O     1 
HETATM 547 O O     . HOH C 3 .  ? 14.259  9.062   0.147   1.00 47.60  ? 465 HOH A O     1 
HETATM 548 O O     . HOH C 3 .  ? 13.015  18.667  -4.188  1.00 23.53  ? 466 HOH A O     1 
HETATM 549 O O     . HOH C 3 .  ? 0.358   -26.978 5.517   1.00 32.48  ? 467 HOH A O     1 
HETATM 550 O O     . HOH C 3 .  ? 1.443   -24.681 17.450  1.00 37.02  ? 468 HOH A O     1 
HETATM 551 O O     . HOH C 3 .  ? 9.180   22.020  -5.219  1.00 33.99  ? 469 HOH A O     1 
HETATM 552 O O     . HOH C 3 .  ? -8.702  -12.579 -3.143  1.00 31.92  ? 470 HOH A O     1 
HETATM 553 O O     . HOH C 3 .  ? -5.595  -10.682 -5.067  1.00 28.65  ? 471 HOH A O     1 
HETATM 554 O O     . HOH C 3 .  ? 7.199   20.221  -2.708  1.00 29.32  ? 472 HOH A O     1 
HETATM 555 O O     . HOH C 3 .  ? 3.895   12.325  -6.002  1.00 29.18  ? 473 HOH A O     1 
# 
